data_8W04
#
_entry.id   8W04
#
_cell.length_a   74.259
_cell.length_b   57.537
_cell.length_c   137.148
_cell.angle_alpha   90.00
_cell.angle_beta   91.77
_cell.angle_gamma   90.00
#
_symmetry.space_group_name_H-M   'P 1 21 1'
#
_entity_poly.entity_id   1
_entity_poly.type   'polypeptide(L)'
_entity_poly.pdbx_seq_one_letter_code
;MGSSHHHHHHSSGLVPRGSHMASMTGGQQMGRGSNNDIITDGGTFPETGGIDLTLGVLRSANYAEDNPLLEMDHKNVSDE
CMLTLTKPAEQTITYTVGIDKTLVGAYNGKNGTNYTPFPGDVILTNEQLKLEKGKQESSKAHLEFTYDKNLASAIYLLPL
IVKGTSSNPAVSDSYQTIYYRINVWDEFAPAEYTTEPLVFTHIGYIDTENMNPLIANKLFYKLGREPHLSYVHAFSVINL
LTATVKYDQSGSMPEISYNKDISYVLGHAKKYIMPLQAQGHKVCLTIKGDGQGIGFSNLNATQSQKLVYDIRKCLEIYGL
DGVNLYDEDFSYKKEGDNLPSAANLCNFVTALRQAIDDKLITYAMTEESASGLDQSQNGIELGKIVDYAWTNQFNRLVNP
WREDNPFGDDSQWKIAGLEQTKFGALTSTLKSLSQEEGELMEGSIFDNILDAGYMDLANVFVVNSIAKVVAGVETQGATY
LLWGALINYDVLQGINPELVPGLGKGGYLDIHSDLCPKDW
;
_entity_poly.pdbx_strand_id   A,B
#
# COMPACT_ATOMS: atom_id res chain seq x y z
N LEU A 55 15.04 -22.75 17.92
CA LEU A 55 15.38 -21.41 18.48
C LEU A 55 16.49 -20.76 17.64
N GLY A 56 16.14 -19.74 16.86
CA GLY A 56 17.11 -19.05 16.02
C GLY A 56 16.64 -17.64 15.75
N VAL A 57 17.52 -16.88 15.11
CA VAL A 57 17.28 -15.47 14.80
C VAL A 57 17.56 -15.25 13.33
N LEU A 58 16.50 -14.99 12.56
CA LEU A 58 16.66 -14.56 11.18
C LEU A 58 17.20 -13.14 11.18
N ARG A 59 18.44 -12.98 10.72
CA ARG A 59 19.20 -11.76 10.94
C ARG A 59 19.69 -11.19 9.62
N SER A 60 19.80 -9.87 9.57
CA SER A 60 20.30 -9.20 8.37
C SER A 60 21.83 -9.20 8.36
N ALA A 61 22.41 -9.56 7.21
CA ALA A 61 23.86 -9.61 7.12
C ALA A 61 24.47 -8.22 7.12
N ASN A 62 23.85 -7.27 6.43
CA ASN A 62 24.42 -5.96 6.22
C ASN A 62 23.83 -4.88 7.11
N TYR A 63 22.92 -5.23 8.01
CA TYR A 63 22.28 -4.25 8.89
C TYR A 63 22.14 -4.86 10.28
N ALA A 64 22.60 -4.13 11.29
CA ALA A 64 22.48 -4.56 12.68
C ALA A 64 21.05 -4.44 13.21
N GLU A 65 20.23 -3.60 12.61
CA GLU A 65 18.85 -3.45 13.03
C GLU A 65 18.09 -4.76 12.84
N ASP A 66 17.28 -5.13 13.84
CA ASP A 66 16.50 -6.35 13.73
C ASP A 66 15.34 -6.22 12.75
N ASN A 67 15.01 -5.00 12.33
CA ASN A 67 13.96 -4.75 11.35
C ASN A 67 14.46 -3.68 10.40
N PRO A 68 15.39 -4.04 9.52
CA PRO A 68 16.12 -3.02 8.74
C PRO A 68 15.19 -2.14 7.92
N LEU A 69 15.54 -0.87 7.83
CA LEU A 69 14.79 0.12 7.06
C LEU A 69 15.61 0.48 5.82
N LEU A 70 15.13 0.04 4.66
CA LEU A 70 15.80 0.29 3.39
C LEU A 70 15.20 1.51 2.71
N GLU A 71 16.07 2.33 2.12
CA GLU A 71 15.66 3.57 1.47
C GLU A 71 15.63 3.36 -0.03
N MET A 72 14.45 3.49 -0.64
CA MET A 72 14.23 3.23 -2.06
C MET A 72 14.00 4.55 -2.78
N ASP A 73 15.05 5.08 -3.40
CA ASP A 73 14.96 6.35 -4.13
C ASP A 73 14.84 6.06 -5.61
N HIS A 74 13.65 5.63 -6.02
CA HIS A 74 13.28 5.38 -7.42
C HIS A 74 14.17 4.33 -8.08
N LYS A 75 14.89 3.54 -7.29
CA LYS A 75 15.70 2.43 -7.77
C LYS A 75 15.50 1.24 -6.84
N ASN A 76 15.97 0.09 -7.29
CA ASN A 76 15.83 -1.13 -6.52
C ASN A 76 16.79 -1.16 -5.35
N VAL A 77 16.37 -1.83 -4.27
CA VAL A 77 17.20 -2.01 -3.09
C VAL A 77 17.32 -3.51 -2.82
N SER A 78 18.35 -3.87 -2.07
CA SER A 78 18.62 -5.28 -1.84
C SER A 78 19.35 -5.48 -0.52
N ASP A 79 19.20 -6.67 0.05
CA ASP A 79 19.87 -7.06 1.28
C ASP A 79 19.91 -8.58 1.35
N GLU A 80 20.89 -9.09 2.10
CA GLU A 80 21.03 -10.52 2.35
C GLU A 80 20.72 -10.81 3.81
N CYS A 81 19.98 -11.89 4.06
CA CYS A 81 19.57 -12.27 5.39
C CYS A 81 19.96 -13.72 5.65
N MET A 82 20.16 -14.04 6.93
CA MET A 82 20.65 -15.35 7.32
C MET A 82 20.02 -15.75 8.65
N LEU A 83 20.17 -17.03 8.98
CA LEU A 83 19.66 -17.60 10.23
C LEU A 83 20.82 -17.88 11.17
N THR A 84 20.66 -17.52 12.43
CA THR A 84 21.70 -17.67 13.46
C THR A 84 21.11 -18.46 14.62
N LEU A 85 21.50 -19.74 14.72
CA LEU A 85 20.98 -20.62 15.75
C LEU A 85 21.72 -20.40 17.07
N THR A 86 21.05 -20.77 18.16
CA THR A 86 21.64 -20.55 19.48
C THR A 86 22.74 -21.57 19.76
N LYS A 87 22.57 -22.79 19.29
CA LYS A 87 23.54 -23.87 19.44
C LYS A 87 23.81 -24.51 18.09
N PRO A 88 25.03 -25.01 17.88
CA PRO A 88 25.40 -25.56 16.58
C PRO A 88 24.47 -26.68 16.13
N ALA A 89 24.30 -26.78 14.82
CA ALA A 89 23.34 -27.72 14.26
C ALA A 89 23.83 -29.15 14.44
N GLU A 90 22.94 -30.03 14.87
CA GLU A 90 23.27 -31.45 15.02
C GLU A 90 23.41 -32.10 13.66
N GLN A 91 22.34 -32.10 12.88
CA GLN A 91 22.33 -32.62 11.52
C GLN A 91 22.17 -31.47 10.54
N THR A 92 22.64 -31.68 9.32
CA THR A 92 22.54 -30.66 8.27
C THR A 92 21.10 -30.57 7.80
N ILE A 93 20.42 -29.47 8.13
CA ILE A 93 19.06 -29.22 7.70
C ILE A 93 19.07 -28.03 6.75
N THR A 94 18.01 -27.96 5.94
CA THR A 94 17.82 -26.85 5.02
C THR A 94 16.47 -26.21 5.34
N TYR A 95 16.51 -24.99 5.86
CA TYR A 95 15.31 -24.21 6.12
C TYR A 95 15.08 -23.22 4.98
N THR A 96 13.82 -22.91 4.74
CA THR A 96 13.43 -22.03 3.64
C THR A 96 12.83 -20.75 4.18
N VAL A 97 13.21 -19.63 3.58
CA VAL A 97 12.63 -18.34 3.92
C VAL A 97 11.47 -18.08 2.97
N GLY A 98 10.37 -17.54 3.53
CA GLY A 98 9.23 -17.18 2.73
C GLY A 98 8.64 -15.87 3.21
N ILE A 99 7.83 -15.26 2.35
CA ILE A 99 7.17 -14.01 2.67
C ILE A 99 5.82 -14.32 3.28
N ASP A 100 5.51 -13.68 4.41
CA ASP A 100 4.22 -13.81 5.08
C ASP A 100 3.70 -12.40 5.35
N LYS A 101 2.97 -11.84 4.38
CA LYS A 101 2.43 -10.49 4.54
C LYS A 101 1.30 -10.43 5.55
N THR A 102 0.83 -11.57 6.06
CA THR A 102 -0.20 -11.57 7.08
C THR A 102 0.30 -11.17 8.45
N LEU A 103 1.60 -10.94 8.61
CA LEU A 103 2.17 -10.49 9.87
C LEU A 103 2.24 -8.98 9.98
N VAL A 104 1.63 -8.26 9.04
CA VAL A 104 1.72 -6.80 9.04
C VAL A 104 0.86 -6.22 10.15
N GLY A 105 -0.40 -6.64 10.23
CA GLY A 105 -1.29 -6.09 11.24
C GLY A 105 -0.80 -6.32 12.65
N ALA A 106 -0.17 -7.47 12.90
CA ALA A 106 0.38 -7.73 14.23
C ALA A 106 1.58 -6.84 14.52
N TYR A 107 2.45 -6.63 13.52
CA TYR A 107 3.55 -5.69 13.68
C TYR A 107 3.03 -4.29 13.93
N ASN A 108 1.97 -3.89 13.22
CA ASN A 108 1.44 -2.53 13.35
C ASN A 108 0.87 -2.29 14.74
N GLY A 109 0.06 -3.22 15.24
CA GLY A 109 -0.55 -3.03 16.55
C GLY A 109 0.48 -2.96 17.66
N LYS A 110 1.53 -3.79 17.57
CA LYS A 110 2.57 -3.79 18.59
C LYS A 110 3.39 -2.50 18.53
N ASN A 111 4.02 -2.23 17.39
CA ASN A 111 4.94 -1.11 17.25
C ASN A 111 4.24 0.21 16.95
N GLY A 112 2.92 0.25 16.96
CA GLY A 112 2.21 1.50 16.74
C GLY A 112 2.30 2.05 15.33
N THR A 113 2.76 1.26 14.37
CA THR A 113 2.88 1.71 13.00
C THR A 113 1.56 1.50 12.25
N ASN A 114 1.49 2.07 11.06
CA ASN A 114 0.33 1.92 10.19
C ASN A 114 0.77 1.48 8.80
N TYR A 115 1.81 0.65 8.75
CA TYR A 115 2.41 0.26 7.50
C TYR A 115 1.47 -0.60 6.68
N THR A 116 1.71 -0.60 5.37
CA THR A 116 0.99 -1.40 4.40
C THR A 116 1.94 -2.42 3.78
N PRO A 117 1.45 -3.61 3.43
CA PRO A 117 2.34 -4.64 2.86
C PRO A 117 2.93 -4.17 1.55
N PHE A 118 4.23 -4.42 1.38
CA PHE A 118 4.93 -3.98 0.18
C PHE A 118 4.35 -4.68 -1.04
N PRO A 119 3.76 -3.95 -1.97
CA PRO A 119 3.02 -4.59 -3.06
C PRO A 119 3.85 -4.83 -4.31
N GLY A 120 5.09 -4.34 -4.31
CA GLY A 120 5.96 -4.55 -5.45
C GLY A 120 6.56 -5.95 -5.47
N ASP A 121 7.23 -6.26 -6.57
CA ASP A 121 7.87 -7.56 -6.72
C ASP A 121 9.08 -7.66 -5.80
N VAL A 122 9.12 -8.74 -5.02
CA VAL A 122 10.25 -9.03 -4.14
C VAL A 122 10.87 -10.34 -4.61
N ILE A 123 12.13 -10.29 -5.00
CA ILE A 123 12.83 -11.43 -5.59
C ILE A 123 13.75 -12.01 -4.52
N LEU A 124 13.33 -13.13 -3.93
CA LEU A 124 14.15 -13.88 -2.98
C LEU A 124 14.93 -14.96 -3.73
N THR A 125 16.25 -14.90 -3.65
CA THR A 125 17.13 -15.86 -4.27
C THR A 125 17.92 -16.60 -3.20
N ASN A 126 18.22 -17.88 -3.48
CA ASN A 126 18.89 -18.75 -2.51
C ASN A 126 18.12 -18.82 -1.19
N GLU A 127 16.78 -18.90 -1.31
CA GLU A 127 15.93 -18.92 -0.11
C GLU A 127 16.13 -20.19 0.71
N GLN A 128 16.73 -21.23 0.14
CA GLN A 128 17.06 -22.43 0.91
C GLN A 128 18.24 -22.11 1.81
N LEU A 129 17.97 -21.93 3.11
CA LEU A 129 19.01 -21.60 4.08
C LEU A 129 19.65 -22.91 4.55
N LYS A 130 20.72 -23.31 3.88
CA LYS A 130 21.45 -24.52 4.25
C LYS A 130 22.27 -24.23 5.51
N LEU A 131 22.13 -25.11 6.51
CA LEU A 131 22.85 -24.97 7.77
C LEU A 131 23.62 -26.26 7.99
N GLU A 132 24.92 -26.22 7.72
CA GLU A 132 25.77 -27.40 7.86
C GLU A 132 25.91 -27.79 9.33
N LYS A 133 26.09 -29.10 9.56
CA LYS A 133 26.19 -29.62 10.90
C LYS A 133 27.45 -29.10 11.58
N GLY A 134 27.32 -28.70 12.85
CA GLY A 134 28.41 -28.09 13.57
C GLY A 134 28.55 -26.60 13.40
N LYS A 135 27.85 -26.00 12.44
CA LYS A 135 27.84 -24.56 12.27
C LYS A 135 26.59 -23.96 12.88
N GLN A 136 26.68 -22.69 13.27
CA GLN A 136 25.57 -21.98 13.89
C GLN A 136 24.89 -20.97 12.98
N GLU A 137 25.45 -20.66 11.82
CA GLU A 137 24.85 -19.66 10.92
C GLU A 137 24.70 -20.26 9.53
N SER A 138 23.51 -20.08 8.96
CA SER A 138 23.13 -20.73 7.71
C SER A 138 23.69 -19.97 6.50
N SER A 139 23.33 -20.45 5.31
CA SER A 139 23.63 -19.72 4.10
C SER A 139 22.85 -18.40 4.08
N LYS A 140 23.20 -17.55 3.12
CA LYS A 140 22.62 -16.21 3.01
C LYS A 140 21.65 -16.18 1.83
N ALA A 141 20.37 -15.98 2.13
CA ALA A 141 19.40 -15.67 1.10
C ALA A 141 19.52 -14.20 0.69
N HIS A 142 19.19 -13.93 -0.56
CA HIS A 142 19.29 -12.60 -1.14
C HIS A 142 17.90 -12.07 -1.49
N LEU A 143 17.60 -10.84 -1.07
CA LEU A 143 16.34 -10.19 -1.36
C LEU A 143 16.59 -8.93 -2.17
N GLU A 144 15.86 -8.76 -3.26
CA GLU A 144 15.89 -7.54 -4.06
C GLU A 144 14.48 -7.00 -4.18
N PHE A 145 14.24 -5.80 -3.66
CA PHE A 145 12.95 -5.15 -3.76
C PHE A 145 12.91 -4.29 -5.02
N THR A 146 11.88 -4.49 -5.84
CA THR A 146 11.81 -3.92 -7.17
C THR A 146 10.97 -2.65 -7.15
N TYR A 147 11.58 -1.53 -7.56
CA TYR A 147 10.85 -0.27 -7.63
C TYR A 147 10.02 -0.20 -8.90
N ASP A 148 8.79 0.27 -8.76
CA ASP A 148 7.93 0.55 -9.91
C ASP A 148 7.28 1.91 -9.68
N LYS A 149 7.13 2.68 -10.75
CA LYS A 149 6.59 4.03 -10.62
C LYS A 149 5.16 4.05 -10.09
N ASN A 150 4.45 2.91 -10.17
CA ASN A 150 3.13 2.84 -9.58
C ASN A 150 3.16 2.93 -8.06
N LEU A 151 4.30 2.60 -7.44
CA LEU A 151 4.39 2.59 -5.98
C LEU A 151 4.25 4.01 -5.43
N ALA A 152 3.28 4.21 -4.56
CA ALA A 152 3.11 5.49 -3.91
C ALA A 152 4.18 5.69 -2.84
N SER A 153 4.50 6.95 -2.57
CA SER A 153 5.52 7.28 -1.59
C SER A 153 4.98 7.04 -0.18
N ALA A 154 5.55 6.06 0.50
CA ALA A 154 5.22 5.72 1.88
C ALA A 154 6.25 4.69 2.34
N ILE A 155 6.08 4.23 3.58
CA ILE A 155 6.89 3.13 4.11
C ILE A 155 6.06 1.86 4.07
N TYR A 156 6.65 0.78 3.58
CA TYR A 156 5.98 -0.50 3.48
C TYR A 156 6.64 -1.52 4.40
N LEU A 157 5.92 -2.62 4.64
CA LEU A 157 6.38 -3.69 5.51
C LEU A 157 6.26 -5.01 4.77
N LEU A 158 7.37 -5.73 4.66
CA LEU A 158 7.39 -7.06 4.04
C LEU A 158 7.98 -8.04 5.04
N PRO A 159 7.15 -8.81 5.73
CA PRO A 159 7.68 -9.78 6.71
C PRO A 159 8.26 -11.02 6.04
N LEU A 160 9.28 -11.58 6.69
CA LEU A 160 9.94 -12.79 6.21
C LEU A 160 10.00 -13.81 7.34
N ILE A 161 9.57 -15.04 7.06
CA ILE A 161 9.50 -16.09 8.06
C ILE A 161 10.37 -17.25 7.62
N VAL A 162 10.83 -18.03 8.60
CA VAL A 162 11.71 -19.17 8.35
C VAL A 162 11.10 -20.56 8.41
N LYS A 163 10.44 -20.94 7.31
CA LYS A 163 9.76 -22.26 7.25
C LYS A 163 9.21 -22.42 5.82
N GLN A 176 12.68 -17.51 14.16
CA GLN A 176 12.11 -16.16 14.16
C GLN A 176 11.60 -15.52 12.87
N THR A 177 11.48 -14.19 12.91
CA THR A 177 10.93 -13.41 11.80
C THR A 177 11.70 -12.10 11.70
N ILE A 178 12.06 -11.72 10.47
CA ILE A 178 12.67 -10.43 10.19
C ILE A 178 11.68 -9.58 9.42
N TYR A 179 11.47 -8.35 9.88
CA TYR A 179 10.50 -7.43 9.30
C TYR A 179 11.25 -6.35 8.53
N TYR A 180 11.22 -6.45 7.20
CA TYR A 180 11.85 -5.45 6.34
C TYR A 180 10.90 -4.28 6.11
N ARG A 181 11.40 -3.07 6.36
CA ARG A 181 10.67 -1.83 6.10
C ARG A 181 11.31 -1.12 4.91
N ILE A 182 10.50 -0.79 3.91
CA ILE A 182 10.97 -0.17 2.68
C ILE A 182 10.41 1.24 2.62
N ASN A 183 11.29 2.21 2.35
CA ASN A 183 10.91 3.61 2.27
C ASN A 183 10.97 4.02 0.80
N VAL A 184 9.81 4.18 0.19
CA VAL A 184 9.70 4.66 -1.19
C VAL A 184 9.68 6.19 -1.14
N TRP A 185 10.73 6.81 -1.66
CA TRP A 185 10.87 8.26 -1.61
C TRP A 185 9.93 8.93 -2.59
N ASP A 186 9.57 10.17 -2.29
CA ASP A 186 8.82 11.00 -3.20
C ASP A 186 9.81 11.62 -4.19
N GLU A 187 9.38 12.62 -4.96
CA GLU A 187 10.29 13.20 -5.94
C GLU A 187 11.45 13.92 -5.25
N PHE A 188 11.22 14.45 -4.05
CA PHE A 188 12.18 15.35 -3.41
C PHE A 188 12.73 14.85 -2.09
N ALA A 189 12.06 13.93 -1.41
CA ALA A 189 12.46 13.55 -0.06
C ALA A 189 11.91 12.16 0.22
N PRO A 190 12.49 11.46 1.20
CA PRO A 190 11.93 10.17 1.59
C PRO A 190 10.56 10.32 2.23
N ALA A 191 9.88 9.20 2.39
CA ALA A 191 8.66 9.17 3.18
C ALA A 191 8.97 9.56 4.63
N GLU A 192 7.99 10.17 5.28
CA GLU A 192 8.08 10.72 6.64
C GLU A 192 9.00 11.93 6.72
N TYR A 193 9.27 12.59 5.60
CA TYR A 193 9.93 13.88 5.65
C TYR A 193 9.02 14.90 6.31
N THR A 194 9.59 15.72 7.18
CA THR A 194 8.84 16.72 7.93
C THR A 194 9.37 18.12 7.64
N THR A 195 8.46 19.10 7.71
CA THR A 195 8.85 20.50 7.62
C THR A 195 9.49 21.01 8.90
N GLU A 196 9.53 20.18 9.94
CA GLU A 196 10.17 20.53 11.20
C GLU A 196 11.64 20.82 10.96
N PRO A 197 12.13 22.01 11.30
CA PRO A 197 13.51 22.38 10.93
C PRO A 197 14.56 21.76 11.83
N LEU A 198 15.76 21.66 11.26
CA LEU A 198 16.91 21.14 11.99
C LEU A 198 17.20 22.04 13.19
N VAL A 199 17.77 21.44 14.23
CA VAL A 199 17.93 22.20 15.46
C VAL A 199 19.18 23.09 15.42
N PHE A 200 20.19 22.69 14.66
CA PHE A 200 21.44 23.39 14.58
C PHE A 200 21.67 23.85 13.14
N THR A 201 22.76 24.60 12.95
CA THR A 201 23.15 25.08 11.64
C THR A 201 24.27 24.19 11.12
N HIS A 202 23.99 23.50 10.02
CA HIS A 202 24.98 22.66 9.37
C HIS A 202 25.40 23.32 8.07
N ILE A 203 26.65 23.77 8.01
CA ILE A 203 27.18 24.50 6.87
C ILE A 203 28.05 23.54 6.07
N GLY A 204 27.70 23.33 4.80
CA GLY A 204 28.46 22.41 3.97
C GLY A 204 29.13 23.03 2.76
N TYR A 205 30.38 22.69 2.51
CA TYR A 205 31.07 23.12 1.30
C TYR A 205 30.86 22.11 0.18
N ILE A 206 30.84 22.62 -1.06
CA ILE A 206 30.86 21.79 -2.26
C ILE A 206 31.96 22.32 -3.16
N ASP A 207 32.89 21.44 -3.53
CA ASP A 207 33.95 21.77 -4.48
C ASP A 207 33.40 21.51 -5.87
N THR A 208 33.07 22.58 -6.60
CA THR A 208 32.36 22.48 -7.86
C THR A 208 33.23 21.86 -8.95
N GLU A 209 34.51 21.62 -8.62
CA GLU A 209 35.40 20.90 -9.52
C GLU A 209 35.12 19.41 -9.52
N ASN A 210 34.72 18.84 -8.37
CA ASN A 210 34.49 17.41 -8.26
C ASN A 210 33.06 17.03 -7.89
N MET A 211 32.24 17.97 -7.43
CA MET A 211 30.96 17.65 -6.81
C MET A 211 29.83 18.48 -7.41
N ASN A 212 28.67 17.86 -7.49
CA ASN A 212 27.45 18.55 -7.89
C ASN A 212 26.83 19.21 -6.66
N PRO A 213 26.56 20.53 -6.70
CA PRO A 213 25.97 21.21 -5.54
C PRO A 213 24.65 20.61 -5.11
N LEU A 214 23.99 19.91 -6.03
CA LEU A 214 22.68 19.32 -5.75
C LEU A 214 22.76 18.03 -4.96
N ILE A 215 23.96 17.60 -4.55
CA ILE A 215 24.04 16.42 -3.70
C ILE A 215 23.45 16.72 -2.32
N ALA A 216 23.41 17.99 -1.93
CA ALA A 216 22.83 18.36 -0.64
C ALA A 216 21.34 18.04 -0.58
N ASN A 217 20.65 18.10 -1.73
CA ASN A 217 19.23 17.73 -1.79
C ASN A 217 19.01 16.23 -1.83
N LYS A 218 20.07 15.44 -1.84
CA LYS A 218 19.96 13.99 -1.74
C LYS A 218 20.40 13.47 -0.38
N LEU A 219 20.81 14.34 0.54
CA LEU A 219 21.35 13.93 1.83
C LEU A 219 20.37 14.31 2.92
N PHE A 220 19.99 13.34 3.75
CA PHE A 220 19.03 13.53 4.82
C PHE A 220 19.54 12.88 6.10
N TYR A 221 18.94 13.31 7.21
CA TYR A 221 19.07 12.63 8.50
C TYR A 221 17.83 11.79 8.74
N LYS A 222 18.02 10.58 9.22
CA LYS A 222 16.92 9.76 9.73
C LYS A 222 16.88 9.96 11.25
N LEU A 223 15.84 10.64 11.73
CA LEU A 223 15.76 11.07 13.12
C LEU A 223 14.65 10.33 13.82
N GLY A 224 14.99 9.70 14.95
CA GLY A 224 14.01 9.03 15.78
C GLY A 224 13.79 7.56 15.51
N ARG A 225 12.83 7.01 16.23
CA ARG A 225 12.47 5.59 16.01
C ARG A 225 10.97 5.55 15.80
N GLU A 226 10.48 4.46 15.23
CA GLU A 226 9.07 4.34 14.86
C GLU A 226 8.33 4.22 16.19
N PRO A 227 7.10 4.74 16.29
CA PRO A 227 6.30 5.41 15.26
C PRO A 227 6.61 6.89 15.08
N HIS A 228 7.71 7.40 15.61
CA HIS A 228 8.02 8.83 15.54
C HIS A 228 9.22 9.11 14.64
N LEU A 229 9.31 8.39 13.52
CA LEU A 229 10.39 8.61 12.57
C LEU A 229 10.16 9.88 11.77
N SER A 230 11.21 10.69 11.62
CA SER A 230 11.16 11.89 10.80
C SER A 230 12.45 12.03 10.01
N TYR A 231 12.35 12.65 8.84
CA TYR A 231 13.50 12.92 7.98
C TYR A 231 13.63 14.42 7.76
N VAL A 232 14.86 14.92 7.79
CA VAL A 232 15.17 16.31 7.50
C VAL A 232 16.44 16.36 6.66
N HIS A 233 16.60 17.46 5.93
CA HIS A 233 17.83 17.71 5.19
C HIS A 233 19.00 17.86 6.16
N ALA A 234 20.14 17.30 5.78
CA ALA A 234 21.29 17.26 6.68
C ALA A 234 22.02 18.59 6.78
N PHE A 235 21.79 19.51 5.84
CA PHE A 235 22.49 20.78 5.79
C PHE A 235 21.50 21.92 5.67
N SER A 236 21.81 23.03 6.31
CA SER A 236 21.02 24.25 6.22
C SER A 236 21.69 25.34 5.39
N VAL A 237 23.02 25.30 5.28
CA VAL A 237 23.78 26.26 4.49
C VAL A 237 24.76 25.50 3.61
N ILE A 238 24.87 25.91 2.35
CA ILE A 238 25.78 25.28 1.39
C ILE A 238 26.72 26.36 0.85
N ASN A 239 28.02 26.13 1.03
CA ASN A 239 29.06 27.01 0.51
C ASN A 239 29.59 26.44 -0.79
N LEU A 240 29.67 27.28 -1.83
CA LEU A 240 30.09 26.85 -3.15
C LEU A 240 31.53 27.28 -3.39
N LEU A 241 32.40 26.30 -3.58
CA LEU A 241 33.82 26.55 -3.88
C LEU A 241 34.03 26.46 -5.40
N THR A 242 34.63 27.50 -5.98
CA THR A 242 35.07 28.75 -5.39
C THR A 242 35.31 29.82 -6.45
N ALA A 243 35.29 31.08 -6.02
CA ALA A 243 35.80 32.19 -6.81
C ALA A 243 37.02 32.77 -6.12
N THR A 244 37.81 33.52 -6.88
CA THR A 244 39.08 34.06 -6.38
C THR A 244 39.15 35.56 -6.62
N VAL A 245 40.07 36.19 -5.89
CA VAL A 245 40.33 37.61 -6.02
C VAL A 245 41.71 37.78 -6.65
N LYS A 246 41.76 38.52 -7.75
CA LYS A 246 43.00 38.76 -8.47
C LYS A 246 43.04 40.22 -8.90
N TYR A 247 44.23 40.66 -9.30
CA TYR A 247 44.37 41.98 -9.87
C TYR A 247 43.78 42.03 -11.27
N ASP A 248 43.28 43.20 -11.64
CA ASP A 248 42.91 43.42 -13.03
C ASP A 248 44.16 43.46 -13.90
N GLN A 249 43.94 43.51 -15.22
CA GLN A 249 45.06 43.51 -16.15
C GLN A 249 45.97 44.71 -15.94
N SER A 250 45.43 45.83 -15.49
CA SER A 250 46.20 47.05 -15.31
C SER A 250 47.02 47.07 -14.02
N GLY A 251 46.74 46.16 -13.08
CA GLY A 251 47.49 46.08 -11.85
C GLY A 251 47.04 47.01 -10.74
N SER A 252 45.88 47.66 -10.89
CA SER A 252 45.42 48.65 -9.92
C SER A 252 44.25 48.15 -9.07
N MET A 253 43.31 47.40 -9.66
CA MET A 253 42.09 47.07 -8.97
C MET A 253 41.93 45.56 -8.79
N PRO A 254 41.21 45.13 -7.75
CA PRO A 254 40.90 43.71 -7.62
C PRO A 254 39.70 43.33 -8.47
N GLU A 255 39.66 42.05 -8.83
CA GLU A 255 38.55 41.51 -9.60
C GLU A 255 38.31 40.06 -9.19
N ILE A 256 37.08 39.60 -9.41
CA ILE A 256 36.68 38.25 -9.06
C ILE A 256 36.86 37.35 -10.28
N SER A 257 37.62 36.29 -10.12
CA SER A 257 37.86 35.33 -11.19
C SER A 257 37.05 34.07 -10.93
N TYR A 258 36.46 33.53 -12.00
CA TYR A 258 35.61 32.34 -11.91
C TYR A 258 36.21 31.26 -12.80
N ASN A 259 36.44 30.08 -12.24
CA ASN A 259 36.89 28.96 -13.05
C ASN A 259 35.72 28.43 -13.90
N LYS A 260 36.05 27.46 -14.75
CA LYS A 260 35.05 26.93 -15.68
C LYS A 260 33.91 26.24 -14.95
N ASP A 261 34.21 25.58 -13.83
CA ASP A 261 33.20 24.82 -13.10
C ASP A 261 32.26 25.73 -12.32
N ILE A 262 32.82 26.66 -11.54
CA ILE A 262 32.00 27.58 -10.76
C ILE A 262 31.21 28.51 -11.66
N SER A 263 31.65 28.70 -12.91
CA SER A 263 30.87 29.48 -13.86
C SER A 263 29.62 28.74 -14.31
N TYR A 264 29.75 27.44 -14.57
CA TYR A 264 28.60 26.67 -15.03
C TYR A 264 27.51 26.59 -13.95
N VAL A 265 27.93 26.38 -12.69
CA VAL A 265 26.96 26.31 -11.60
C VAL A 265 26.22 27.64 -11.46
N LEU A 266 26.96 28.74 -11.43
CA LEU A 266 26.32 30.05 -11.33
C LEU A 266 25.52 30.38 -12.59
N GLY A 267 26.09 30.05 -13.76
CA GLY A 267 25.41 30.39 -15.01
C GLY A 267 24.10 29.66 -15.20
N HIS A 268 23.94 28.50 -14.55
CA HIS A 268 22.69 27.77 -14.59
C HIS A 268 22.16 27.62 -13.17
N ALA A 269 21.92 28.74 -12.50
CA ALA A 269 21.51 28.72 -11.10
C ALA A 269 20.12 28.14 -10.93
N LYS A 270 19.26 28.28 -11.95
CA LYS A 270 17.93 27.69 -11.85
C LYS A 270 17.98 26.17 -11.81
N LYS A 271 19.11 25.56 -12.15
CA LYS A 271 19.27 24.12 -12.08
C LYS A 271 20.01 23.67 -10.83
N TYR A 272 20.95 24.46 -10.33
CA TYR A 272 21.84 24.06 -9.25
C TYR A 272 21.60 24.79 -7.94
N ILE A 273 21.38 26.10 -7.98
CA ILE A 273 21.25 26.86 -6.75
C ILE A 273 19.79 26.99 -6.32
N MET A 274 18.90 27.27 -7.27
CA MET A 274 17.50 27.54 -6.97
C MET A 274 16.77 26.30 -6.44
N PRO A 275 16.99 25.09 -6.99
CA PRO A 275 16.40 23.90 -6.36
C PRO A 275 16.86 23.70 -4.92
N LEU A 276 18.12 24.00 -4.62
CA LEU A 276 18.58 23.91 -3.24
C LEU A 276 17.81 24.89 -2.35
N GLN A 277 17.58 26.10 -2.85
CA GLN A 277 16.89 27.11 -2.05
C GLN A 277 15.44 26.74 -1.79
N ALA A 278 14.78 26.11 -2.76
CA ALA A 278 13.41 25.67 -2.57
C ALA A 278 13.32 24.59 -1.48
N GLN A 279 14.39 23.82 -1.29
CA GLN A 279 14.45 22.78 -0.27
C GLN A 279 14.97 23.31 1.06
N GLY A 280 14.95 24.63 1.27
CA GLY A 280 15.33 25.17 2.55
C GLY A 280 16.81 25.35 2.78
N HIS A 281 17.59 25.50 1.70
CA HIS A 281 19.02 25.73 1.82
C HIS A 281 19.35 27.20 1.60
N LYS A 282 20.27 27.72 2.41
CA LYS A 282 20.91 28.99 2.14
C LYS A 282 22.22 28.72 1.39
N VAL A 283 22.31 29.22 0.16
CA VAL A 283 23.42 28.93 -0.73
C VAL A 283 24.29 30.17 -0.85
N CYS A 284 25.56 30.03 -0.49
CA CYS A 284 26.53 31.11 -0.54
C CYS A 284 27.63 30.78 -1.55
N LEU A 285 28.40 31.80 -1.89
CA LEU A 285 29.57 31.65 -2.75
C LEU A 285 30.82 31.90 -1.91
N THR A 286 31.71 30.91 -1.86
CA THR A 286 33.00 31.09 -1.22
C THR A 286 33.93 31.88 -2.14
N ILE A 287 34.59 32.89 -1.59
CA ILE A 287 35.55 33.69 -2.33
C ILE A 287 36.89 33.59 -1.62
N LYS A 288 37.91 33.13 -2.35
CA LYS A 288 39.24 32.88 -1.81
C LYS A 288 40.24 33.77 -2.53
N GLY A 289 41.52 33.51 -2.30
CA GLY A 289 42.59 34.29 -2.86
C GLY A 289 43.26 33.58 -4.02
N ASP A 290 43.86 34.37 -4.91
CA ASP A 290 44.52 33.85 -6.10
C ASP A 290 46.02 34.16 -6.10
N GLY A 291 46.57 34.50 -4.93
CA GLY A 291 48.01 34.61 -4.79
C GLY A 291 48.64 35.84 -5.39
N GLN A 292 47.88 36.89 -5.65
CA GLN A 292 48.43 38.10 -6.27
C GLN A 292 48.65 39.23 -5.28
N GLY A 293 48.57 38.94 -3.98
CA GLY A 293 48.88 39.92 -2.96
C GLY A 293 47.78 40.90 -2.62
N ILE A 294 46.64 40.84 -3.31
CA ILE A 294 45.50 41.71 -3.04
C ILE A 294 44.40 40.85 -2.43
N GLY A 295 43.76 41.36 -1.38
CA GLY A 295 42.78 40.56 -0.69
C GLY A 295 41.93 41.37 0.26
N PHE A 296 41.15 40.66 1.07
CA PHE A 296 40.17 41.26 1.96
C PHE A 296 40.80 42.19 2.99
N SER A 297 42.06 41.98 3.33
CA SER A 297 42.68 42.64 4.47
C SER A 297 43.69 43.70 4.09
N ASN A 298 43.78 44.09 2.82
CA ASN A 298 44.70 45.15 2.43
C ASN A 298 44.13 46.07 1.36
N LEU A 299 42.81 46.10 1.19
CA LEU A 299 42.22 46.96 0.18
C LEU A 299 42.27 48.42 0.62
N ASN A 300 42.48 49.31 -0.35
CA ASN A 300 42.33 50.73 -0.06
C ASN A 300 40.87 51.12 -0.31
N ALA A 301 40.57 52.41 -0.16
CA ALA A 301 39.19 52.87 -0.25
C ALA A 301 38.60 52.60 -1.63
N THR A 302 39.35 52.95 -2.69
CA THR A 302 38.84 52.77 -4.04
C THR A 302 38.75 51.30 -4.43
N GLN A 303 39.74 50.50 -4.02
CA GLN A 303 39.70 49.07 -4.28
C GLN A 303 38.56 48.40 -3.54
N SER A 304 38.26 48.87 -2.33
CA SER A 304 37.22 48.22 -1.52
C SER A 304 35.84 48.43 -2.12
N GLN A 305 35.54 49.65 -2.56
CA GLN A 305 34.24 49.93 -3.18
C GLN A 305 34.03 49.06 -4.41
N LYS A 306 35.10 48.80 -5.18
CA LYS A 306 34.98 47.94 -6.34
C LYS A 306 34.59 46.53 -5.94
N LEU A 307 35.33 45.93 -5.00
CA LEU A 307 35.09 44.54 -4.64
C LEU A 307 33.75 44.38 -3.94
N VAL A 308 33.37 45.37 -3.13
CA VAL A 308 32.06 45.34 -2.48
C VAL A 308 30.95 45.43 -3.52
N TYR A 309 31.13 46.27 -4.54
CA TYR A 309 30.13 46.36 -5.61
C TYR A 309 30.03 45.05 -6.37
N ASP A 310 31.18 44.49 -6.76
CA ASP A 310 31.19 43.25 -7.55
C ASP A 310 30.55 42.09 -6.78
N ILE A 311 30.83 42.00 -5.48
CA ILE A 311 30.22 40.96 -4.67
C ILE A 311 28.73 41.20 -4.55
N ARG A 312 28.32 42.45 -4.30
CA ARG A 312 26.90 42.77 -4.23
C ARG A 312 26.20 42.40 -5.54
N LYS A 313 26.79 42.78 -6.67
CA LYS A 313 26.22 42.44 -7.97
C LYS A 313 26.12 40.93 -8.14
N CYS A 314 27.21 40.21 -7.87
CA CYS A 314 27.24 38.77 -8.06
C CYS A 314 26.13 38.06 -7.29
N LEU A 315 25.89 38.48 -6.04
CA LEU A 315 24.89 37.81 -5.22
C LEU A 315 23.48 38.04 -5.76
N GLU A 316 23.17 39.27 -6.17
CA GLU A 316 21.86 39.55 -6.75
C GLU A 316 21.73 38.90 -8.12
N ILE A 317 22.81 38.90 -8.90
CA ILE A 317 22.77 38.44 -10.28
C ILE A 317 22.36 36.97 -10.35
N TYR A 318 23.01 36.13 -9.54
CA TYR A 318 22.79 34.69 -9.57
C TYR A 318 21.88 34.21 -8.43
N GLY A 319 21.22 35.13 -7.72
CA GLY A 319 20.26 34.72 -6.72
C GLY A 319 20.84 34.05 -5.50
N LEU A 320 22.08 34.36 -5.15
CA LEU A 320 22.72 33.78 -3.99
C LEU A 320 22.22 34.44 -2.71
N ASP A 321 22.37 33.72 -1.59
CA ASP A 321 21.90 34.17 -0.29
C ASP A 321 22.99 34.80 0.55
N GLY A 322 24.25 34.73 0.12
CA GLY A 322 25.32 35.33 0.89
C GLY A 322 26.67 34.98 0.29
N VAL A 323 27.72 35.34 1.04
CA VAL A 323 29.10 35.16 0.62
C VAL A 323 29.90 34.65 1.81
N ASN A 324 30.85 33.76 1.53
CA ASN A 324 31.75 33.22 2.53
C ASN A 324 33.15 33.75 2.26
N LEU A 325 33.71 34.50 3.21
CA LEU A 325 35.02 35.11 3.06
C LEU A 325 36.06 34.12 3.58
N TYR A 326 36.73 33.41 2.67
CA TYR A 326 37.76 32.44 3.03
C TYR A 326 39.11 33.17 3.03
N ASP A 327 39.70 33.31 4.21
CA ASP A 327 40.89 34.15 4.36
C ASP A 327 42.15 33.30 4.23
N GLU A 328 42.45 32.94 2.97
CA GLU A 328 43.63 32.15 2.68
C GLU A 328 43.97 32.30 1.19
N ASP A 329 45.20 31.88 0.86
CA ASP A 329 45.73 31.88 -0.50
C ASP A 329 45.80 33.28 -1.11
N PHE A 330 45.87 34.33 -0.29
CA PHE A 330 46.05 35.67 -0.83
C PHE A 330 47.52 35.99 -1.06
N SER A 331 48.43 35.28 -0.38
CA SER A 331 49.87 35.47 -0.53
C SER A 331 50.27 36.93 -0.27
N TYR A 332 49.83 37.46 0.87
CA TYR A 332 50.19 38.82 1.23
C TYR A 332 51.70 38.94 1.41
N LYS A 333 52.21 40.14 1.15
CA LYS A 333 53.63 40.41 1.34
C LYS A 333 53.88 40.79 2.80
N LYS A 334 55.07 40.46 3.29
CA LYS A 334 55.40 40.69 4.69
C LYS A 334 55.91 42.11 4.95
N GLU A 335 56.45 42.77 3.94
CA GLU A 335 56.98 44.12 4.07
C GLU A 335 56.50 44.98 2.91
N GLY A 336 56.07 46.18 3.22
CA GLY A 336 55.65 47.10 2.18
C GLY A 336 54.60 48.06 2.71
N ASP A 337 53.89 48.68 1.77
CA ASP A 337 52.88 49.68 2.07
C ASP A 337 51.46 49.13 2.05
N ASN A 338 51.25 47.92 1.52
CA ASN A 338 49.93 47.30 1.47
C ASN A 338 49.84 46.15 2.46
N LEU A 339 50.38 46.35 3.66
CA LEU A 339 50.42 45.27 4.64
C LEU A 339 48.99 44.90 5.07
N PRO A 340 48.70 43.61 5.24
CA PRO A 340 47.37 43.20 5.67
C PRO A 340 47.15 43.48 7.15
N SER A 341 45.98 44.01 7.48
CA SER A 341 45.67 44.38 8.85
C SER A 341 44.27 43.88 9.20
N ALA A 342 44.06 43.64 10.50
CA ALA A 342 42.73 43.31 10.97
C ALA A 342 41.80 44.52 10.87
N ALA A 343 42.35 45.73 11.01
CA ALA A 343 41.52 46.92 10.87
C ALA A 343 40.94 47.03 9.46
N ASN A 344 41.77 46.75 8.45
CA ASN A 344 41.28 46.78 7.07
C ASN A 344 40.18 45.74 6.86
N LEU A 345 40.38 44.55 7.40
CA LEU A 345 39.36 43.52 7.27
C LEU A 345 38.05 43.96 7.91
N CYS A 346 38.13 44.65 9.05
CA CYS A 346 36.92 45.14 9.71
C CYS A 346 36.23 46.21 8.89
N ASN A 347 36.99 47.12 8.31
CA ASN A 347 36.40 48.18 7.49
C ASN A 347 35.78 47.62 6.23
N PHE A 348 36.39 46.59 5.65
CA PHE A 348 35.86 46.00 4.42
C PHE A 348 34.54 45.29 4.67
N VAL A 349 34.48 44.45 5.71
CA VAL A 349 33.26 43.70 6.01
C VAL A 349 32.13 44.66 6.38
N THR A 350 32.46 45.75 7.09
CA THR A 350 31.45 46.74 7.42
C THR A 350 30.88 47.37 6.16
N ALA A 351 31.73 47.63 5.17
CA ALA A 351 31.25 48.14 3.88
C ALA A 351 30.42 47.10 3.15
N LEU A 352 30.84 45.84 3.21
CA LEU A 352 30.08 44.77 2.55
C LEU A 352 28.72 44.59 3.21
N ARG A 353 28.67 44.69 4.54
CA ARG A 353 27.41 44.57 5.25
C ARG A 353 26.43 45.66 4.83
N GLN A 354 26.92 46.89 4.64
CA GLN A 354 26.05 47.97 4.21
C GLN A 354 25.49 47.74 2.81
N ALA A 355 26.25 47.06 1.95
CA ALA A 355 25.85 46.94 0.55
C ALA A 355 24.93 45.75 0.32
N ILE A 356 25.17 44.63 0.99
CA ILE A 356 24.38 43.42 0.77
C ILE A 356 23.31 43.21 1.82
N ASP A 357 23.19 44.13 2.79
CA ASP A 357 22.11 44.15 3.76
C ASP A 357 22.00 42.83 4.54
N ASP A 358 20.90 42.10 4.35
CA ASP A 358 20.61 40.91 5.15
C ASP A 358 21.15 39.63 4.54
N LYS A 359 21.77 39.71 3.36
CA LYS A 359 22.46 38.53 2.83
C LYS A 359 23.61 38.16 3.76
N LEU A 360 23.92 36.87 3.82
CA LEU A 360 24.80 36.35 4.85
C LEU A 360 26.27 36.66 4.55
N ILE A 361 27.02 36.99 5.59
CA ILE A 361 28.47 37.10 5.53
C ILE A 361 29.05 36.13 6.54
N THR A 362 29.89 35.22 6.08
CA THR A 362 30.59 34.28 6.94
C THR A 362 32.09 34.40 6.72
N TYR A 363 32.86 34.03 7.75
CA TYR A 363 34.30 34.20 7.75
C TYR A 363 34.96 32.87 8.09
N ALA A 364 35.88 32.44 7.22
CA ALA A 364 36.67 31.24 7.42
C ALA A 364 38.09 31.67 7.78
N MET A 365 38.41 31.58 9.07
CA MET A 365 39.71 32.02 9.56
C MET A 365 40.76 30.94 9.33
N THR A 366 41.96 31.36 8.92
CA THR A 366 43.08 30.44 8.75
C THR A 366 44.30 30.96 9.50
N GLU A 367 45.43 30.27 9.32
CA GLU A 367 46.68 30.73 9.91
C GLU A 367 47.28 31.92 9.17
N GLU A 368 46.82 32.19 7.95
CA GLU A 368 47.22 33.38 7.20
C GLU A 368 46.34 34.59 7.54
N SER A 369 45.43 34.46 8.49
CA SER A 369 44.60 35.58 8.89
C SER A 369 45.42 36.59 9.69
N ALA A 370 44.96 37.83 9.68
CA ALA A 370 45.68 38.89 10.36
C ALA A 370 45.45 38.83 11.86
N SER A 371 46.48 39.20 12.61
CA SER A 371 46.37 39.31 14.06
C SER A 371 45.53 40.52 14.44
N GLY A 372 44.94 40.46 15.63
CA GLY A 372 44.16 41.56 16.16
C GLY A 372 42.67 41.40 16.05
N LEU A 373 42.18 40.30 15.49
CA LEU A 373 40.74 40.06 15.48
C LEU A 373 40.19 39.77 16.87
N ASP A 374 41.06 39.54 17.85
CA ASP A 374 40.62 39.38 19.23
C ASP A 374 40.16 40.69 19.85
N GLN A 375 40.55 41.83 19.28
CA GLN A 375 40.24 43.14 19.83
C GLN A 375 39.54 44.01 18.79
N SER A 376 38.89 45.07 19.27
CA SER A 376 38.17 45.96 18.37
C SER A 376 39.13 46.77 17.52
N GLN A 377 38.76 46.99 16.26
CA GLN A 377 39.57 47.73 15.31
C GLN A 377 38.79 48.99 14.92
N ASN A 378 39.25 50.15 15.40
CA ASN A 378 38.59 51.42 15.11
C ASN A 378 37.13 51.39 15.53
N GLY A 379 36.85 50.70 16.64
CA GLY A 379 35.49 50.58 17.14
C GLY A 379 34.68 49.44 16.55
N ILE A 380 35.22 48.74 15.56
CA ILE A 380 34.49 47.68 14.85
C ILE A 380 34.89 46.33 15.42
N GLU A 381 33.91 45.46 15.62
CA GLU A 381 34.13 44.07 16.02
C GLU A 381 33.61 43.17 14.92
N LEU A 382 34.51 42.40 14.30
CA LEU A 382 34.14 41.59 13.15
C LEU A 382 33.04 40.60 13.50
N GLY A 383 33.07 40.06 14.72
CA GLY A 383 32.06 39.11 15.16
C GLY A 383 30.64 39.67 15.18
N LYS A 384 30.50 40.99 15.30
CA LYS A 384 29.17 41.60 15.29
C LYS A 384 28.59 41.72 13.89
N ILE A 385 29.44 41.85 12.88
CA ILE A 385 28.97 42.06 11.52
C ILE A 385 28.77 40.75 10.76
N VAL A 386 29.50 39.69 11.12
CA VAL A 386 29.43 38.42 10.41
C VAL A 386 28.28 37.60 10.96
N ASP A 387 27.72 36.73 10.11
CA ASP A 387 26.65 35.85 10.55
C ASP A 387 27.21 34.60 11.23
N TYR A 388 28.28 34.03 10.68
CA TYR A 388 28.93 32.85 11.23
C TYR A 388 30.43 32.99 11.03
N ALA A 389 31.19 32.13 11.71
CA ALA A 389 32.64 32.11 11.58
C ALA A 389 33.16 30.74 12.00
N TRP A 390 34.15 30.24 11.28
CA TRP A 390 34.79 28.98 11.60
C TRP A 390 36.24 29.04 11.12
N THR A 391 36.95 27.95 11.30
CA THR A 391 38.38 27.90 11.01
C THR A 391 38.69 26.81 9.99
N ASN A 392 39.98 26.68 9.68
CA ASN A 392 40.50 25.60 8.86
C ASN A 392 41.19 24.53 9.70
N GLN A 393 41.04 24.59 11.01
CA GLN A 393 41.62 23.60 11.93
C GLN A 393 40.71 22.37 11.93
N PHE A 394 40.88 21.53 10.92
CA PHE A 394 39.92 20.48 10.61
C PHE A 394 39.99 19.35 11.63
N ASN A 395 38.85 18.64 11.75
CA ASN A 395 38.74 17.42 12.55
C ASN A 395 39.20 17.63 13.99
N ARG A 396 39.00 18.85 14.49
CA ARG A 396 39.35 19.19 15.86
C ARG A 396 38.41 20.30 16.31
N LEU A 397 38.08 20.29 17.60
CA LEU A 397 37.18 21.30 18.15
C LEU A 397 37.99 22.46 18.66
N VAL A 398 37.71 23.66 18.16
CA VAL A 398 38.48 24.85 18.48
C VAL A 398 37.68 25.65 19.50
N ASN A 399 38.18 25.71 20.73
CA ASN A 399 37.55 26.53 21.76
C ASN A 399 38.47 27.71 22.07
N PRO A 400 38.26 28.88 21.45
CA PRO A 400 39.11 30.03 21.78
C PRO A 400 38.83 30.64 23.13
N TRP A 401 37.68 30.36 23.73
CA TRP A 401 37.28 30.96 25.00
C TRP A 401 37.70 30.15 26.22
N ARG A 402 38.56 29.15 26.07
CA ARG A 402 38.90 28.24 27.16
C ARG A 402 40.32 28.51 27.64
N GLU A 403 40.45 28.97 28.87
CA GLU A 403 41.76 29.09 29.51
C GLU A 403 42.22 27.72 29.99
N ASP A 404 43.53 27.50 29.91
CA ASP A 404 44.16 26.24 30.31
C ASP A 404 43.53 25.06 29.58
N ASN A 405 43.23 25.27 28.30
CA ASN A 405 42.61 24.25 27.48
C ASN A 405 43.53 23.04 27.38
N PRO A 406 43.10 21.86 27.83
CA PRO A 406 44.00 20.70 27.81
C PRO A 406 44.46 20.30 26.42
N PHE A 407 43.57 20.40 25.42
CA PHE A 407 43.91 19.96 24.07
C PHE A 407 44.87 20.94 23.39
N GLY A 408 44.72 22.22 23.65
CA GLY A 408 45.62 23.21 23.10
C GLY A 408 45.06 24.62 23.19
N ASP A 409 45.94 25.61 23.15
CA ASP A 409 45.54 27.00 23.25
C ASP A 409 45.04 27.47 21.88
N ASP A 410 43.73 27.67 21.77
CA ASP A 410 43.09 28.14 20.55
C ASP A 410 42.78 29.63 20.60
N SER A 411 43.53 30.40 21.41
CA SER A 411 43.23 31.80 21.60
C SER A 411 43.50 32.64 20.35
N GLN A 412 44.35 32.17 19.45
CA GLN A 412 44.58 32.90 18.20
C GLN A 412 43.31 32.97 17.34
N TRP A 413 42.37 32.05 17.55
CA TRP A 413 41.13 32.01 16.79
C TRP A 413 40.01 32.79 17.47
N LYS A 414 40.36 33.71 18.37
CA LYS A 414 39.36 34.52 19.04
C LYS A 414 38.97 35.70 18.17
N ILE A 415 37.66 35.88 17.96
CA ILE A 415 37.12 36.98 17.17
C ILE A 415 36.27 37.84 18.09
N ALA A 416 36.56 39.13 18.13
CA ALA A 416 35.87 40.03 19.04
C ALA A 416 34.42 40.21 18.62
N GLY A 417 33.52 40.18 19.61
CA GLY A 417 32.10 40.38 19.36
C GLY A 417 31.36 39.19 18.82
N LEU A 418 32.05 38.08 18.56
CA LEU A 418 31.41 36.88 18.02
C LEU A 418 30.83 36.05 19.16
N GLU A 419 29.50 35.90 19.15
CA GLU A 419 28.84 34.98 20.08
C GLU A 419 29.27 33.55 19.79
N GLN A 420 29.39 32.75 20.86
CA GLN A 420 29.77 31.34 20.69
C GLN A 420 28.80 30.60 19.80
N THR A 421 27.54 31.05 19.74
CA THR A 421 26.52 30.44 18.90
C THR A 421 26.74 30.70 17.41
N LYS A 422 27.61 31.64 17.05
CA LYS A 422 27.91 31.91 15.65
C LYS A 422 29.23 31.30 15.22
N PHE A 423 29.82 30.42 16.03
CA PHE A 423 31.15 29.89 15.80
C PHE A 423 31.09 28.39 15.61
N GLY A 424 31.46 27.94 14.41
CA GLY A 424 31.62 26.51 14.16
C GLY A 424 32.87 25.99 14.82
N ALA A 425 32.74 25.45 16.03
CA ALA A 425 33.91 24.95 16.75
C ALA A 425 34.53 23.73 16.09
N LEU A 426 33.76 23.00 15.29
CA LEU A 426 34.25 21.81 14.61
C LEU A 426 34.00 21.94 13.11
N THR A 427 35.07 22.10 12.35
CA THR A 427 35.02 22.02 10.88
C THR A 427 35.71 20.72 10.47
N SER A 428 34.97 19.82 9.84
CA SER A 428 35.50 18.51 9.52
C SER A 428 35.76 18.37 8.02
N THR A 429 36.74 17.54 7.70
CA THR A 429 37.13 17.26 6.33
C THR A 429 37.27 15.75 6.15
N LEU A 430 37.23 15.31 4.90
CA LEU A 430 37.23 13.89 4.57
C LEU A 430 38.67 13.42 4.39
N LYS A 431 39.34 13.23 5.52
CA LYS A 431 40.70 12.70 5.56
C LYS A 431 40.76 11.55 6.57
N SER A 432 41.68 10.62 6.33
CA SER A 432 41.91 9.56 7.29
C SER A 432 42.65 10.12 8.50
N LEU A 433 42.33 9.57 9.67
CA LEU A 433 42.88 10.06 10.93
C LEU A 433 43.55 8.92 11.68
N SER A 434 44.62 9.26 12.41
CA SER A 434 45.34 8.30 13.23
C SER A 434 44.56 8.04 14.51
N GLN A 435 45.09 7.14 15.35
CA GLN A 435 44.45 6.88 16.63
C GLN A 435 44.48 8.13 17.52
N GLU A 436 45.62 8.83 17.54
CA GLU A 436 45.70 10.04 18.35
C GLU A 436 44.85 11.17 17.76
N GLU A 437 44.74 11.22 16.44
CA GLU A 437 43.90 12.23 15.81
C GLU A 437 42.42 11.96 16.09
N GLY A 438 42.03 10.69 16.12
CA GLY A 438 40.65 10.36 16.45
C GLY A 438 40.33 10.61 17.90
N GLU A 439 41.28 10.34 18.79
CA GLU A 439 41.07 10.63 20.21
C GLU A 439 40.95 12.13 20.45
N LEU A 440 41.82 12.92 19.81
CA LEU A 440 41.74 14.38 19.93
C LEU A 440 40.42 14.89 19.40
N MET A 441 39.95 14.36 18.28
CA MET A 441 38.69 14.81 17.69
C MET A 441 37.53 14.56 18.65
N GLU A 442 37.29 13.28 18.99
CA GLU A 442 36.18 12.96 19.89
C GLU A 442 36.40 13.56 21.28
N GLY A 443 37.66 13.62 21.72
CA GLY A 443 37.94 14.21 23.02
C GLY A 443 37.60 15.68 23.09
N SER A 444 38.10 16.46 22.11
CA SER A 444 37.85 17.90 22.12
C SER A 444 36.37 18.20 21.91
N ILE A 445 35.66 17.35 21.18
CA ILE A 445 34.23 17.55 20.96
C ILE A 445 33.46 17.37 22.26
N PHE A 446 33.64 16.22 22.90
CA PHE A 446 32.80 15.92 24.09
C PHE A 446 33.22 16.71 25.30
N ASP A 447 34.52 16.93 25.48
CA ASP A 447 34.97 17.57 26.70
C ASP A 447 34.55 19.04 26.72
N ASN A 448 34.59 19.69 25.57
CA ASN A 448 34.29 21.14 25.56
C ASN A 448 32.78 21.36 25.61
N ILE A 449 32.00 20.59 24.87
CA ILE A 449 30.53 20.86 24.82
C ILE A 449 29.82 20.29 26.05
N LEU A 450 30.20 19.11 26.50
CA LEU A 450 29.44 18.50 27.60
C LEU A 450 30.15 18.75 28.94
N ASP A 451 31.42 18.41 29.07
CA ASP A 451 32.08 18.53 30.40
C ASP A 451 32.43 19.99 30.71
N ALA A 452 32.85 20.80 29.76
CA ALA A 452 33.28 22.16 30.14
C ALA A 452 32.11 23.15 30.11
N GLY A 453 30.95 22.77 29.58
CA GLY A 453 29.76 23.64 29.61
C GLY A 453 29.62 24.53 28.40
N TYR A 454 30.53 24.40 27.43
CA TYR A 454 30.51 25.23 26.20
C TYR A 454 29.47 24.69 25.26
N MET A 455 28.23 24.67 25.75
CA MET A 455 27.14 24.13 24.93
C MET A 455 26.82 25.02 23.74
N ASP A 456 27.12 26.32 23.82
CA ASP A 456 26.87 27.21 22.70
C ASP A 456 27.76 26.92 21.50
N LEU A 457 28.71 25.99 21.63
CA LEU A 457 29.53 25.56 20.50
C LEU A 457 28.95 24.33 19.80
N ALA A 458 27.69 23.98 20.10
CA ALA A 458 27.00 22.89 19.42
C ALA A 458 25.98 23.37 18.41
N ASN A 459 25.92 24.69 18.17
CA ASN A 459 24.90 25.25 17.29
C ASN A 459 25.34 25.33 15.84
N VAL A 460 26.63 25.44 15.58
CA VAL A 460 27.17 25.57 14.23
C VAL A 460 28.20 24.47 14.00
N PHE A 461 27.93 23.60 13.04
CA PHE A 461 28.86 22.58 12.60
C PHE A 461 29.14 22.79 11.12
N VAL A 462 30.42 22.76 10.74
CA VAL A 462 30.84 23.04 9.37
C VAL A 462 31.53 21.80 8.81
N VAL A 463 31.24 21.48 7.55
CA VAL A 463 31.89 20.39 6.84
C VAL A 463 32.60 21.01 5.64
N ASN A 464 33.93 21.06 5.70
CA ASN A 464 34.71 21.66 4.61
C ASN A 464 34.83 20.61 3.51
N SER A 465 33.89 20.69 2.56
CA SER A 465 33.77 19.88 1.35
C SER A 465 33.13 18.53 1.64
N ILE A 466 31.85 18.42 1.31
CA ILE A 466 31.18 17.13 1.18
C ILE A 466 31.78 16.46 -0.04
N ALA A 467 32.60 15.43 0.17
CA ALA A 467 33.39 14.83 -0.88
C ALA A 467 32.99 13.37 -1.10
N LYS A 468 33.46 12.82 -2.20
CA LYS A 468 33.18 11.42 -2.51
C LYS A 468 33.96 10.51 -1.55
N VAL A 469 33.28 9.51 -1.01
CA VAL A 469 33.93 8.52 -0.15
C VAL A 469 34.68 7.53 -1.03
N VAL A 470 35.95 7.32 -0.73
CA VAL A 470 36.79 6.39 -1.46
C VAL A 470 37.50 5.48 -0.46
N ALA A 471 38.37 4.63 -0.99
CA ALA A 471 39.15 3.75 -0.14
C ALA A 471 40.09 4.55 0.77
N GLY A 472 40.03 4.28 2.06
CA GLY A 472 40.88 4.97 3.01
C GLY A 472 40.13 5.93 3.92
N VAL A 473 39.13 6.61 3.35
CA VAL A 473 38.33 7.57 4.09
C VAL A 473 36.93 7.04 4.38
N GLU A 474 36.75 5.72 4.32
CA GLU A 474 35.44 5.14 4.60
C GLU A 474 35.04 5.34 6.06
N THR A 475 36.00 5.22 6.97
CA THR A 475 35.69 5.36 8.39
C THR A 475 35.31 6.81 8.71
N GLN A 476 36.13 7.76 8.28
CA GLN A 476 35.81 9.17 8.50
C GLN A 476 34.60 9.60 7.66
N GLY A 477 34.37 8.93 6.54
CA GLY A 477 33.21 9.27 5.72
C GLY A 477 31.89 8.99 6.43
N ALA A 478 31.88 7.97 7.29
CA ALA A 478 30.66 7.63 8.01
C ALA A 478 30.36 8.63 9.12
N THR A 479 31.39 9.28 9.66
CA THR A 479 31.22 10.09 10.86
C THR A 479 31.29 11.59 10.61
N TYR A 480 32.02 12.04 9.58
CA TYR A 480 32.31 13.46 9.45
C TYR A 480 31.10 14.30 9.02
N LEU A 481 29.93 13.68 8.84
CA LEU A 481 28.70 14.42 8.60
C LEU A 481 27.69 14.26 9.72
N LEU A 482 27.96 13.41 10.71
CA LEU A 482 26.99 13.08 11.75
C LEU A 482 27.29 13.73 13.10
N TRP A 483 28.46 14.37 13.24
CA TRP A 483 28.83 14.95 14.53
C TRP A 483 27.85 16.03 14.96
N GLY A 484 27.33 16.80 14.00
CA GLY A 484 26.38 17.85 14.35
C GLY A 484 25.10 17.30 14.95
N ALA A 485 24.56 16.25 14.33
CA ALA A 485 23.33 15.67 14.83
C ALA A 485 23.56 14.76 16.04
N LEU A 486 24.77 14.17 16.13
CA LEU A 486 25.11 13.33 17.27
C LEU A 486 24.96 14.10 18.58
N ILE A 487 25.62 15.26 18.67
CA ILE A 487 25.54 16.06 19.88
C ILE A 487 24.12 16.55 20.11
N ASN A 488 23.54 17.21 19.09
CA ASN A 488 22.30 17.95 19.28
C ASN A 488 21.10 17.03 19.46
N TYR A 489 21.03 15.95 18.69
CA TYR A 489 19.89 15.03 18.73
C TYR A 489 20.09 13.84 19.66
N ASP A 490 21.26 13.19 19.59
CA ASP A 490 21.43 11.95 20.34
C ASP A 490 21.85 12.22 21.78
N VAL A 491 22.80 13.14 21.99
CA VAL A 491 23.30 13.42 23.33
C VAL A 491 22.38 14.40 24.06
N LEU A 492 22.10 15.54 23.44
CA LEU A 492 21.30 16.57 24.09
C LEU A 492 19.82 16.24 24.11
N GLN A 493 19.37 15.34 23.25
CA GLN A 493 18.00 14.84 23.33
C GLN A 493 18.02 13.31 23.35
N GLY A 494 16.88 12.68 23.06
CA GLY A 494 16.83 11.24 22.97
C GLY A 494 16.83 10.70 21.55
N ILE A 495 16.91 11.58 20.55
CA ILE A 495 16.64 11.20 19.17
C ILE A 495 17.89 10.61 18.53
N ASN A 496 17.74 9.44 17.90
CA ASN A 496 18.86 8.79 17.21
C ASN A 496 19.02 9.34 15.81
N PRO A 497 20.22 9.78 15.43
CA PRO A 497 20.44 10.29 14.07
C PRO A 497 21.15 9.29 13.18
N GLU A 498 20.84 9.33 11.88
CA GLU A 498 21.45 8.42 10.92
C GLU A 498 21.43 9.07 9.55
N LEU A 499 22.58 9.07 8.88
CA LEU A 499 22.68 9.70 7.57
C LEU A 499 22.07 8.81 6.50
N VAL A 500 21.23 9.41 5.66
CA VAL A 500 20.53 8.67 4.61
C VAL A 500 20.67 9.46 3.32
N PRO A 501 21.00 8.81 2.19
CA PRO A 501 21.24 7.38 1.99
C PRO A 501 22.71 7.02 2.13
N GLY A 502 23.10 6.43 3.25
CA GLY A 502 24.49 6.10 3.50
C GLY A 502 24.85 4.68 3.12
N LEU A 503 24.40 3.72 3.91
CA LEU A 503 24.70 2.32 3.65
C LEU A 503 23.94 1.82 2.43
N GLY A 504 24.41 0.71 1.87
CA GLY A 504 23.77 0.09 0.74
C GLY A 504 24.36 0.52 -0.59
N LYS A 505 24.06 -0.26 -1.63
CA LYS A 505 24.53 0.05 -2.96
C LYS A 505 23.89 1.34 -3.45
N GLY A 506 24.70 2.23 -4.03
CA GLY A 506 24.23 3.53 -4.45
C GLY A 506 24.20 4.58 -3.37
N GLY A 507 24.46 4.21 -2.12
CA GLY A 507 24.49 5.18 -1.04
C GLY A 507 25.73 6.06 -1.09
N TYR A 508 25.75 7.05 -0.20
CA TYR A 508 26.88 7.96 -0.12
C TYR A 508 28.16 7.24 0.28
N LEU A 509 28.05 6.19 1.10
CA LEU A 509 29.22 5.44 1.54
C LEU A 509 29.64 4.34 0.57
N ASP A 510 28.95 4.21 -0.56
CA ASP A 510 29.38 3.30 -1.63
C ASP A 510 30.54 3.95 -2.38
N ILE A 511 31.74 3.40 -2.21
CA ILE A 511 32.92 3.94 -2.89
C ILE A 511 32.94 3.64 -4.38
N HIS A 512 31.97 2.87 -4.90
CA HIS A 512 31.92 2.58 -6.33
C HIS A 512 30.70 3.20 -7.00
N SER A 513 30.12 4.22 -6.38
CA SER A 513 28.98 4.92 -6.95
C SER A 513 29.10 6.39 -6.60
N ASP A 514 28.33 7.21 -7.33
CA ASP A 514 28.26 8.65 -7.10
C ASP A 514 26.80 9.01 -6.87
N LEU A 515 26.49 9.56 -5.69
CA LEU A 515 25.11 9.87 -5.34
C LEU A 515 24.52 10.89 -6.30
N CYS A 516 25.14 12.06 -6.41
CA CYS A 516 24.71 13.12 -7.31
C CYS A 516 25.95 13.58 -8.06
N PRO A 517 26.22 13.02 -9.23
CA PRO A 517 27.48 13.31 -9.92
C PRO A 517 27.43 14.60 -10.71
N LYS A 518 28.63 15.07 -11.05
CA LYS A 518 28.78 16.27 -11.85
C LYS A 518 28.36 15.99 -13.28
N ASP A 519 27.45 16.83 -13.80
CA ASP A 519 26.86 16.62 -15.12
C ASP A 519 27.23 17.73 -16.11
N TRP A 520 28.46 18.26 -16.01
CA TRP A 520 28.92 19.27 -16.96
C TRP A 520 30.40 19.13 -17.28
N LEU B 55 -23.35 27.08 -5.19
CA LEU B 55 -23.68 25.80 -4.52
C LEU B 55 -24.06 24.76 -5.58
N GLY B 56 -23.45 23.57 -5.52
CA GLY B 56 -23.74 22.53 -6.47
C GLY B 56 -23.39 21.18 -5.88
N VAL B 57 -23.69 20.13 -6.65
CA VAL B 57 -23.46 18.76 -6.23
C VAL B 57 -22.70 18.03 -7.33
N LEU B 58 -21.51 17.56 -7.01
CA LEU B 58 -20.77 16.66 -7.89
C LEU B 58 -21.26 15.24 -7.62
N ARG B 59 -22.05 14.69 -8.54
CA ARG B 59 -22.71 13.40 -8.34
C ARG B 59 -22.34 12.45 -9.47
N SER B 60 -22.57 11.16 -9.22
CA SER B 60 -22.37 10.12 -10.20
C SER B 60 -23.62 9.93 -11.04
N ALA B 61 -23.41 9.58 -12.31
CA ALA B 61 -24.54 9.32 -13.20
C ALA B 61 -25.15 7.94 -12.97
N ASN B 62 -24.30 6.94 -12.74
CA ASN B 62 -24.77 5.56 -12.64
C ASN B 62 -25.04 5.12 -11.21
N TYR B 63 -24.64 5.90 -10.21
CA TYR B 63 -24.81 5.54 -8.81
C TYR B 63 -25.40 6.71 -8.05
N ALA B 64 -26.52 6.48 -7.37
CA ALA B 64 -27.19 7.53 -6.62
C ALA B 64 -26.55 7.79 -5.27
N GLU B 65 -25.71 6.89 -4.80
CA GLU B 65 -25.04 7.06 -3.52
C GLU B 65 -24.01 8.19 -3.60
N ASP B 66 -23.87 8.91 -2.48
CA ASP B 66 -22.90 10.00 -2.41
C ASP B 66 -21.46 9.48 -2.41
N ASN B 67 -21.24 8.23 -2.00
CA ASN B 67 -19.91 7.64 -1.91
C ASN B 67 -19.95 6.27 -2.56
N PRO B 68 -19.89 6.22 -3.90
CA PRO B 68 -19.99 4.93 -4.59
C PRO B 68 -18.82 4.00 -4.26
N LEU B 69 -19.16 2.73 -4.05
CA LEU B 69 -18.19 1.69 -3.70
C LEU B 69 -17.97 0.79 -4.92
N LEU B 70 -16.92 1.10 -5.70
CA LEU B 70 -16.62 0.31 -6.88
C LEU B 70 -15.81 -0.92 -6.50
N GLU B 71 -16.09 -2.04 -7.15
CA GLU B 71 -15.45 -3.31 -6.87
C GLU B 71 -14.44 -3.60 -7.97
N MET B 72 -13.16 -3.62 -7.60
CA MET B 72 -12.06 -3.84 -8.53
C MET B 72 -11.48 -5.23 -8.29
N ASP B 73 -11.71 -6.15 -9.22
CA ASP B 73 -11.27 -7.54 -9.12
C ASP B 73 -10.27 -7.80 -10.23
N HIS B 74 -9.03 -7.32 -10.04
CA HIS B 74 -7.91 -7.53 -10.96
C HIS B 74 -8.21 -7.01 -12.37
N LYS B 75 -9.15 -6.08 -12.48
CA LYS B 75 -9.47 -5.43 -13.73
C LYS B 75 -9.83 -3.98 -13.43
N ASN B 76 -9.78 -3.16 -14.47
CA ASN B 76 -10.05 -1.74 -14.32
C ASN B 76 -11.53 -1.50 -13.99
N VAL B 77 -11.78 -0.39 -13.32
CA VAL B 77 -13.14 0.01 -12.95
C VAL B 77 -13.32 1.47 -13.36
N SER B 78 -14.57 1.84 -13.66
CA SER B 78 -14.83 3.15 -14.25
C SER B 78 -16.22 3.64 -13.87
N ASP B 79 -16.40 4.96 -13.98
CA ASP B 79 -17.66 5.61 -13.66
C ASP B 79 -17.64 7.02 -14.26
N GLU B 80 -18.83 7.59 -14.42
CA GLU B 80 -18.99 8.95 -14.91
C GLU B 80 -19.67 9.82 -13.85
N CYS B 81 -19.30 11.10 -13.81
CA CYS B 81 -19.82 12.04 -12.84
C CYS B 81 -20.23 13.33 -13.56
N MET B 82 -20.97 14.16 -12.83
CA MET B 82 -21.48 15.41 -13.38
C MET B 82 -21.74 16.39 -12.25
N LEU B 83 -21.91 17.65 -12.61
CA LEU B 83 -22.20 18.72 -11.66
C LEU B 83 -23.64 19.16 -11.83
N THR B 84 -24.40 19.14 -10.74
CA THR B 84 -25.80 19.54 -10.71
C THR B 84 -25.94 20.75 -9.80
N LEU B 85 -26.15 21.92 -10.41
CA LEU B 85 -26.25 23.17 -9.67
C LEU B 85 -27.63 23.31 -9.03
N THR B 86 -27.67 24.00 -7.89
CA THR B 86 -28.93 24.19 -7.20
C THR B 86 -29.82 25.21 -7.88
N LYS B 87 -29.26 26.04 -8.76
CA LYS B 87 -30.00 27.01 -9.54
C LYS B 87 -29.42 27.04 -10.94
N PRO B 88 -30.23 27.35 -11.94
CA PRO B 88 -29.74 27.37 -13.32
C PRO B 88 -28.57 28.31 -13.49
N ALA B 89 -27.79 28.03 -14.52
CA ALA B 89 -26.56 28.76 -14.82
C ALA B 89 -26.95 30.12 -15.40
N GLU B 90 -26.64 31.19 -14.65
CA GLU B 90 -26.91 32.52 -15.14
C GLU B 90 -26.13 32.80 -16.42
N GLN B 91 -24.90 32.32 -16.49
CA GLN B 91 -24.04 32.48 -17.64
C GLN B 91 -23.38 31.14 -17.94
N THR B 92 -22.84 31.03 -19.16
CA THR B 92 -22.17 29.80 -19.58
C THR B 92 -20.80 29.74 -18.94
N ILE B 93 -20.57 28.72 -18.11
CA ILE B 93 -19.34 28.55 -17.36
C ILE B 93 -18.85 27.13 -17.56
N THR B 94 -17.54 26.94 -17.40
CA THR B 94 -16.92 25.63 -17.42
C THR B 94 -16.17 25.41 -16.12
N TYR B 95 -16.39 24.26 -15.49
CA TYR B 95 -15.70 23.88 -14.27
C TYR B 95 -14.82 22.66 -14.55
N THR B 96 -13.83 22.45 -13.67
CA THR B 96 -12.86 21.37 -13.81
C THR B 96 -12.82 20.54 -12.53
N VAL B 97 -12.77 19.23 -12.69
CA VAL B 97 -12.73 18.31 -11.56
C VAL B 97 -11.29 17.85 -11.35
N GLY B 98 -10.96 17.59 -10.09
CA GLY B 98 -9.64 17.13 -9.72
C GLY B 98 -9.70 16.14 -8.58
N ILE B 99 -8.52 15.70 -8.15
CA ILE B 99 -8.38 14.71 -7.09
C ILE B 99 -7.70 15.39 -5.91
N ASP B 100 -8.32 15.29 -4.74
CA ASP B 100 -7.77 15.86 -3.51
C ASP B 100 -7.71 14.74 -2.47
N LYS B 101 -6.55 14.10 -2.35
CA LYS B 101 -6.37 13.05 -1.37
C LYS B 101 -6.21 13.59 0.05
N THR B 102 -6.27 14.90 0.23
CA THR B 102 -6.21 15.47 1.58
C THR B 102 -7.54 15.33 2.31
N LEU B 103 -8.65 15.23 1.58
CA LEU B 103 -9.96 15.06 2.18
C LEU B 103 -10.16 13.66 2.75
N VAL B 104 -9.20 12.75 2.54
CA VAL B 104 -9.34 11.39 3.03
C VAL B 104 -9.45 11.36 4.55
N GLY B 105 -8.71 12.25 5.22
CA GLY B 105 -8.69 12.22 6.67
C GLY B 105 -10.02 12.56 7.31
N ALA B 106 -10.67 13.63 6.81
CA ALA B 106 -11.93 14.07 7.39
C ALA B 106 -13.07 13.10 7.09
N TYR B 107 -13.03 12.44 5.93
CA TYR B 107 -14.00 11.38 5.66
C TYR B 107 -13.85 10.25 6.65
N ASN B 108 -12.60 9.85 6.93
CA ASN B 108 -12.34 8.78 7.90
C ASN B 108 -12.89 9.15 9.27
N GLY B 109 -12.62 10.36 9.74
CA GLY B 109 -13.07 10.76 11.07
C GLY B 109 -14.58 10.82 11.16
N LYS B 110 -15.25 11.29 10.11
CA LYS B 110 -16.70 11.47 10.16
C LYS B 110 -17.42 10.13 10.09
N ASN B 111 -16.96 9.22 9.23
CA ASN B 111 -17.61 7.94 9.02
C ASN B 111 -16.95 6.80 9.78
N GLY B 112 -15.90 7.08 10.55
CA GLY B 112 -15.28 6.05 11.37
C GLY B 112 -14.52 4.99 10.61
N THR B 113 -13.93 5.35 9.47
CA THR B 113 -13.21 4.42 8.62
C THR B 113 -11.71 4.66 8.73
N ASN B 114 -10.94 3.68 8.23
CA ASN B 114 -9.49 3.72 8.26
C ASN B 114 -8.92 3.67 6.85
N TYR B 115 -9.65 4.22 5.89
CA TYR B 115 -9.26 4.14 4.49
C TYR B 115 -7.98 4.94 4.24
N THR B 116 -7.25 4.52 3.21
CA THR B 116 -6.05 5.18 2.73
C THR B 116 -6.27 5.66 1.29
N PRO B 117 -5.63 6.77 0.90
CA PRO B 117 -5.82 7.26 -0.47
C PRO B 117 -5.38 6.24 -1.50
N PHE B 118 -6.18 6.13 -2.56
CA PHE B 118 -5.95 5.16 -3.63
C PHE B 118 -4.64 5.44 -4.35
N PRO B 119 -3.68 4.51 -4.34
CA PRO B 119 -2.38 4.76 -4.94
C PRO B 119 -2.33 4.54 -6.44
N GLY B 120 -3.37 3.97 -7.04
CA GLY B 120 -3.34 3.64 -8.45
C GLY B 120 -3.60 4.83 -9.34
N ASP B 121 -3.46 4.59 -10.64
CA ASP B 121 -3.59 5.62 -11.65
C ASP B 121 -5.07 5.86 -11.96
N VAL B 122 -5.51 7.11 -11.85
CA VAL B 122 -6.89 7.50 -12.17
C VAL B 122 -6.82 8.37 -13.42
N ILE B 123 -7.39 7.86 -14.51
CA ILE B 123 -7.36 8.54 -15.80
C ILE B 123 -8.71 9.21 -15.99
N LEU B 124 -8.74 10.54 -15.80
CA LEU B 124 -9.96 11.31 -15.96
C LEU B 124 -10.01 11.94 -17.34
N THR B 125 -11.13 11.75 -18.04
CA THR B 125 -11.35 12.32 -19.35
C THR B 125 -12.53 13.28 -19.29
N ASN B 126 -12.48 14.31 -20.15
CA ASN B 126 -13.52 15.35 -20.19
C ASN B 126 -13.63 16.06 -18.84
N GLU B 127 -12.49 16.27 -18.18
CA GLU B 127 -12.48 16.87 -16.86
C GLU B 127 -13.02 18.29 -16.85
N GLN B 128 -13.13 18.93 -18.01
CA GLN B 128 -13.76 20.25 -18.13
C GLN B 128 -15.26 20.04 -18.29
N LEU B 129 -16.03 20.49 -17.29
CA LEU B 129 -17.48 20.31 -17.27
C LEU B 129 -18.15 21.57 -17.81
N LYS B 130 -18.75 21.46 -18.99
CA LYS B 130 -19.40 22.59 -19.65
C LYS B 130 -20.83 22.71 -19.14
N LEU B 131 -21.16 23.87 -18.59
CA LEU B 131 -22.50 24.15 -18.06
C LEU B 131 -23.04 25.35 -18.84
N GLU B 132 -23.89 25.08 -19.82
CA GLU B 132 -24.47 26.14 -20.63
C GLU B 132 -25.46 26.96 -19.81
N LYS B 133 -25.62 28.22 -20.21
CA LYS B 133 -26.51 29.12 -19.49
C LYS B 133 -27.94 28.60 -19.51
N GLY B 134 -28.62 28.72 -18.38
CA GLY B 134 -29.96 28.19 -18.23
C GLY B 134 -30.03 26.71 -17.93
N LYS B 135 -28.90 26.01 -17.87
CA LYS B 135 -28.86 24.58 -17.54
C LYS B 135 -28.37 24.41 -16.10
N GLN B 136 -28.86 23.38 -15.42
CA GLN B 136 -28.44 23.06 -14.07
C GLN B 136 -27.48 21.88 -14.02
N GLU B 137 -27.31 21.14 -15.11
CA GLU B 137 -26.46 19.96 -15.11
C GLU B 137 -25.36 20.11 -16.15
N SER B 138 -24.12 19.91 -15.71
CA SER B 138 -22.96 20.04 -16.57
C SER B 138 -22.79 18.80 -17.43
N SER B 139 -21.70 18.78 -18.21
CA SER B 139 -21.37 17.61 -19.00
C SER B 139 -20.91 16.47 -18.08
N LYS B 140 -20.68 15.32 -18.67
CA LYS B 140 -20.21 14.14 -17.94
C LYS B 140 -18.70 14.00 -18.07
N ALA B 141 -18.05 13.73 -16.94
CA ALA B 141 -16.63 13.43 -16.90
C ALA B 141 -16.43 11.93 -16.61
N HIS B 142 -15.49 11.32 -17.32
CA HIS B 142 -15.23 9.89 -17.21
C HIS B 142 -14.02 9.63 -16.32
N LEU B 143 -14.14 8.66 -15.43
CA LEU B 143 -13.07 8.30 -14.51
C LEU B 143 -12.75 6.82 -14.67
N GLU B 144 -11.48 6.49 -14.85
CA GLU B 144 -11.03 5.11 -14.95
C GLU B 144 -9.99 4.86 -13.86
N PHE B 145 -10.26 3.88 -13.00
CA PHE B 145 -9.33 3.47 -11.96
C PHE B 145 -8.61 2.23 -12.44
N THR B 146 -7.28 2.32 -12.53
CA THR B 146 -6.47 1.31 -13.20
C THR B 146 -5.96 0.29 -12.18
N TYR B 147 -6.24 -0.99 -12.44
CA TYR B 147 -5.68 -2.05 -11.63
C TYR B 147 -4.24 -2.33 -12.05
N ASP B 148 -3.39 -2.60 -11.06
CA ASP B 148 -2.02 -3.01 -11.31
C ASP B 148 -1.60 -3.98 -10.21
N LYS B 149 -0.65 -4.85 -10.54
CA LYS B 149 -0.20 -5.84 -9.57
C LYS B 149 0.46 -5.20 -8.35
N ASN B 150 0.86 -3.93 -8.45
CA ASN B 150 1.42 -3.19 -7.33
C ASN B 150 0.36 -2.59 -6.41
N LEU B 151 -0.89 -3.01 -6.54
CA LEU B 151 -1.97 -2.53 -5.68
C LEU B 151 -2.30 -3.61 -4.66
N ALA B 152 -2.04 -3.33 -3.38
CA ALA B 152 -2.42 -4.25 -2.32
C ALA B 152 -3.93 -4.23 -2.12
N SER B 153 -4.46 -5.37 -1.70
CA SER B 153 -5.90 -5.51 -1.49
C SER B 153 -6.34 -4.66 -0.30
N ALA B 154 -7.24 -3.72 -0.54
CA ALA B 154 -7.80 -2.85 0.50
C ALA B 154 -8.96 -2.07 -0.12
N ILE B 155 -9.70 -1.38 0.73
CA ILE B 155 -10.71 -0.42 0.30
C ILE B 155 -10.04 0.95 0.36
N TYR B 156 -9.82 1.54 -0.82
CA TYR B 156 -9.15 2.83 -0.92
C TYR B 156 -10.17 3.94 -1.19
N LEU B 157 -9.83 5.14 -0.72
CA LEU B 157 -10.66 6.32 -0.91
C LEU B 157 -9.97 7.28 -1.86
N LEU B 158 -10.73 7.84 -2.80
CA LEU B 158 -10.22 8.82 -3.75
C LEU B 158 -11.23 9.96 -3.84
N PRO B 159 -11.01 11.06 -3.12
CA PRO B 159 -11.94 12.18 -3.19
C PRO B 159 -11.76 12.99 -4.47
N LEU B 160 -12.90 13.47 -4.99
CA LEU B 160 -12.93 14.25 -6.23
C LEU B 160 -13.59 15.59 -5.96
N ILE B 161 -12.89 16.67 -6.30
CA ILE B 161 -13.35 18.02 -5.99
C ILE B 161 -13.58 18.77 -7.29
N VAL B 162 -14.43 19.79 -7.22
CA VAL B 162 -14.70 20.68 -8.36
C VAL B 162 -13.70 21.84 -8.25
N LYS B 163 -12.52 21.63 -8.82
CA LYS B 163 -11.44 22.64 -8.74
C LYS B 163 -10.32 22.25 -9.71
N GLN B 176 -19.81 20.67 -3.55
CA GLN B 176 -19.90 19.30 -3.03
C GLN B 176 -18.80 18.39 -3.58
N THR B 177 -18.60 17.27 -2.90
CA THR B 177 -17.52 16.34 -3.21
C THR B 177 -18.08 14.93 -3.33
N ILE B 178 -17.55 14.17 -4.28
CA ILE B 178 -17.87 12.76 -4.44
C ILE B 178 -16.67 11.95 -3.98
N TYR B 179 -16.87 11.12 -2.96
CA TYR B 179 -15.82 10.27 -2.40
C TYR B 179 -15.96 8.88 -2.98
N TYR B 180 -15.05 8.50 -3.86
CA TYR B 180 -15.06 7.18 -4.49
C TYR B 180 -14.34 6.18 -3.61
N ARG B 181 -14.95 5.02 -3.41
CA ARG B 181 -14.38 3.93 -2.62
C ARG B 181 -14.06 2.78 -3.56
N ILE B 182 -12.80 2.36 -3.58
CA ILE B 182 -12.31 1.34 -4.49
C ILE B 182 -11.95 0.11 -3.66
N ASN B 183 -12.59 -1.02 -3.96
CA ASN B 183 -12.31 -2.28 -3.28
C ASN B 183 -11.44 -3.12 -4.21
N VAL B 184 -10.14 -3.12 -3.94
CA VAL B 184 -9.19 -3.96 -4.68
C VAL B 184 -9.25 -5.36 -4.07
N TRP B 185 -9.84 -6.31 -4.80
CA TRP B 185 -10.00 -7.66 -4.29
C TRP B 185 -8.65 -8.35 -4.17
N ASP B 186 -8.61 -9.35 -3.29
CA ASP B 186 -7.48 -10.25 -3.22
C ASP B 186 -7.62 -11.29 -4.33
N GLU B 187 -6.80 -12.34 -4.30
CA GLU B 187 -6.94 -13.40 -5.29
C GLU B 187 -8.22 -14.20 -5.12
N PHE B 188 -8.85 -14.15 -3.94
CA PHE B 188 -9.97 -15.02 -3.63
C PHE B 188 -11.23 -14.30 -3.18
N ALA B 189 -11.13 -13.07 -2.69
CA ALA B 189 -12.29 -12.41 -2.10
C ALA B 189 -12.05 -10.90 -2.13
N PRO B 190 -13.11 -10.11 -2.01
CA PRO B 190 -12.93 -8.66 -1.91
C PRO B 190 -12.30 -8.28 -0.58
N ALA B 191 -11.78 -7.05 -0.52
CA ALA B 191 -11.32 -6.52 0.75
C ALA B 191 -12.48 -6.46 1.74
N GLU B 192 -12.14 -6.59 3.02
CA GLU B 192 -13.10 -6.69 4.13
C GLU B 192 -13.94 -7.95 4.08
N TYR B 193 -13.43 -9.02 3.46
CA TYR B 193 -14.06 -10.32 3.56
C TYR B 193 -13.87 -10.87 4.97
N THR B 194 -14.93 -11.48 5.50
CA THR B 194 -14.93 -11.99 6.86
C THR B 194 -15.07 -13.51 6.86
N THR B 195 -14.50 -14.13 7.89
CA THR B 195 -14.71 -15.55 8.16
C THR B 195 -16.05 -15.83 8.86
N GLU B 196 -16.81 -14.79 9.13
CA GLU B 196 -18.12 -14.92 9.76
C GLU B 196 -19.07 -15.66 8.82
N PRO B 197 -19.64 -16.79 9.23
CA PRO B 197 -20.46 -17.58 8.29
C PRO B 197 -21.81 -16.94 7.99
N LEU B 198 -22.37 -17.36 6.87
CA LEU B 198 -23.69 -16.90 6.48
C LEU B 198 -24.75 -17.41 7.45
N VAL B 199 -25.79 -16.60 7.66
CA VAL B 199 -26.81 -16.96 8.63
C VAL B 199 -27.64 -18.13 8.12
N PHE B 200 -28.09 -18.06 6.87
CA PHE B 200 -28.96 -19.07 6.30
C PHE B 200 -28.16 -19.98 5.37
N THR B 201 -28.81 -21.03 4.88
CA THR B 201 -28.21 -21.95 3.93
C THR B 201 -28.76 -21.62 2.55
N HIS B 202 -27.88 -21.13 1.68
CA HIS B 202 -28.24 -20.76 0.31
C HIS B 202 -27.70 -21.82 -0.63
N ILE B 203 -28.60 -22.46 -1.38
CA ILE B 203 -28.27 -23.57 -2.25
C ILE B 203 -28.42 -23.11 -3.70
N GLY B 204 -27.35 -23.26 -4.47
CA GLY B 204 -27.36 -22.82 -5.86
C GLY B 204 -27.04 -23.90 -6.87
N TYR B 205 -27.88 -24.04 -7.88
CA TYR B 205 -27.63 -24.93 -9.00
C TYR B 205 -26.75 -24.23 -10.04
N ILE B 206 -26.07 -25.04 -10.84
CA ILE B 206 -25.24 -24.55 -11.92
C ILE B 206 -25.37 -25.51 -13.09
N ASP B 207 -25.91 -25.02 -14.19
CA ASP B 207 -26.07 -25.83 -15.40
C ASP B 207 -24.72 -25.89 -16.10
N THR B 208 -24.01 -27.02 -15.92
CA THR B 208 -22.68 -27.16 -16.49
C THR B 208 -22.65 -27.05 -18.01
N GLU B 209 -23.82 -27.07 -18.67
CA GLU B 209 -23.83 -26.92 -20.12
C GLU B 209 -23.66 -25.47 -20.53
N ASN B 210 -24.04 -24.53 -19.66
CA ASN B 210 -23.93 -23.11 -19.95
C ASN B 210 -23.11 -22.33 -18.92
N MET B 211 -22.85 -22.90 -17.75
CA MET B 211 -22.24 -22.17 -16.65
C MET B 211 -21.01 -22.88 -16.13
N ASN B 212 -20.04 -22.08 -15.71
CA ASN B 212 -18.86 -22.52 -14.99
C ASN B 212 -19.18 -22.65 -13.50
N PRO B 213 -18.93 -23.80 -12.88
CA PRO B 213 -19.24 -23.94 -11.46
C PRO B 213 -18.47 -22.97 -10.56
N LEU B 214 -17.39 -22.36 -11.05
CA LEU B 214 -16.57 -21.46 -10.23
C LEU B 214 -17.13 -20.05 -10.14
N ILE B 215 -18.27 -19.77 -10.77
CA ILE B 215 -18.88 -18.46 -10.60
C ILE B 215 -19.34 -18.27 -9.16
N ALA B 216 -19.56 -19.37 -8.43
CA ALA B 216 -19.92 -19.25 -7.02
C ALA B 216 -18.78 -18.67 -6.18
N ASN B 217 -17.54 -18.82 -6.63
CA ASN B 217 -16.39 -18.22 -5.96
C ASN B 217 -16.15 -16.77 -6.38
N LYS B 218 -17.04 -16.22 -7.20
CA LYS B 218 -16.99 -14.80 -7.56
C LYS B 218 -18.20 -14.04 -7.06
N LEU B 219 -19.20 -14.71 -6.49
CA LEU B 219 -20.43 -14.06 -6.03
C LEU B 219 -20.38 -13.89 -4.52
N PHE B 220 -20.51 -12.64 -4.07
CA PHE B 220 -20.45 -12.30 -2.66
C PHE B 220 -21.66 -11.45 -2.26
N TYR B 221 -21.95 -11.47 -0.96
CA TYR B 221 -22.89 -10.54 -0.35
C TYR B 221 -22.08 -9.44 0.33
N LYS B 222 -22.31 -8.19 -0.07
CA LYS B 222 -21.80 -7.05 0.69
C LYS B 222 -22.79 -6.76 1.81
N LEU B 223 -22.34 -6.96 3.05
CA LEU B 223 -23.22 -6.93 4.22
C LEU B 223 -22.95 -5.70 5.06
N GLY B 224 -23.98 -4.89 5.28
CA GLY B 224 -23.91 -3.79 6.21
C GLY B 224 -23.51 -2.45 5.63
N ARG B 225 -23.12 -1.55 6.52
CA ARG B 225 -22.64 -0.22 6.09
C ARG B 225 -21.35 0.04 6.87
N GLU B 226 -20.58 1.01 6.41
CA GLU B 226 -19.31 1.35 7.03
C GLU B 226 -19.66 2.10 8.32
N PRO B 227 -18.84 1.95 9.38
CA PRO B 227 -17.59 1.21 9.48
C PRO B 227 -17.77 -0.29 9.77
N HIS B 228 -18.93 -0.87 9.47
CA HIS B 228 -19.20 -2.27 9.75
C HIS B 228 -19.41 -3.05 8.47
N LEU B 229 -18.59 -2.78 7.45
CA LEU B 229 -18.72 -3.45 6.17
C LEU B 229 -18.04 -4.80 6.20
N SER B 230 -18.66 -5.79 5.56
CA SER B 230 -18.11 -7.13 5.46
C SER B 230 -18.64 -7.79 4.19
N TYR B 231 -17.89 -8.77 3.70
CA TYR B 231 -18.27 -9.55 2.54
C TYR B 231 -18.28 -11.03 2.88
N VAL B 232 -19.32 -11.74 2.43
CA VAL B 232 -19.42 -13.18 2.60
C VAL B 232 -19.83 -13.76 1.25
N HIS B 233 -19.47 -15.03 1.04
CA HIS B 233 -19.93 -15.75 -0.13
C HIS B 233 -21.45 -15.84 -0.13
N ALA B 234 -22.06 -15.63 -1.30
CA ALA B 234 -23.52 -15.62 -1.38
C ALA B 234 -24.14 -17.01 -1.35
N PHE B 235 -23.34 -18.07 -1.42
CA PHE B 235 -23.86 -19.43 -1.45
C PHE B 235 -23.04 -20.31 -0.53
N SER B 236 -23.70 -21.29 0.07
CA SER B 236 -23.06 -22.27 0.93
C SER B 236 -23.05 -23.67 0.33
N VAL B 237 -24.02 -24.01 -0.51
CA VAL B 237 -24.08 -25.31 -1.18
C VAL B 237 -24.26 -25.06 -2.67
N ILE B 238 -23.54 -25.84 -3.49
CA ILE B 238 -23.61 -25.75 -4.94
C ILE B 238 -24.00 -27.11 -5.50
N ASN B 239 -25.05 -27.13 -6.32
CA ASN B 239 -25.54 -28.35 -6.97
C ASN B 239 -25.14 -28.33 -8.44
N LEU B 240 -24.43 -29.36 -8.88
CA LEU B 240 -23.89 -29.45 -10.23
C LEU B 240 -24.86 -30.24 -11.11
N LEU B 241 -25.44 -29.56 -12.10
CA LEU B 241 -26.32 -30.20 -13.07
C LEU B 241 -25.51 -30.70 -14.26
N THR B 242 -25.68 -31.97 -14.61
CA THR B 242 -26.47 -33.03 -14.00
C THR B 242 -26.02 -34.40 -14.52
N ALA B 243 -26.35 -35.45 -13.78
CA ALA B 243 -26.23 -36.82 -14.26
C ALA B 243 -27.62 -37.43 -14.39
N THR B 244 -27.71 -38.50 -15.16
CA THR B 244 -28.98 -39.14 -15.45
C THR B 244 -28.93 -40.61 -15.12
N VAL B 245 -30.10 -41.17 -14.81
CA VAL B 245 -30.26 -42.59 -14.54
C VAL B 245 -30.95 -43.22 -15.74
N LYS B 246 -30.28 -44.19 -16.36
CA LYS B 246 -30.81 -44.90 -17.51
C LYS B 246 -30.62 -46.40 -17.31
N TYR B 247 -31.28 -47.18 -18.15
CA TYR B 247 -31.13 -48.62 -18.11
C TYR B 247 -29.83 -49.03 -18.77
N ASP B 248 -29.21 -50.09 -18.26
CA ASP B 248 -28.04 -50.64 -18.93
C ASP B 248 -28.48 -51.30 -20.24
N GLN B 249 -27.48 -51.74 -21.02
CA GLN B 249 -27.75 -52.27 -22.36
C GLN B 249 -28.77 -53.42 -22.33
N SER B 250 -28.75 -54.23 -21.26
CA SER B 250 -29.65 -55.38 -21.18
C SER B 250 -30.99 -55.05 -20.53
N GLY B 251 -31.16 -53.84 -20.01
CA GLY B 251 -32.42 -53.46 -19.40
C GLY B 251 -32.70 -54.10 -18.06
N SER B 252 -31.67 -54.45 -17.29
CA SER B 252 -31.85 -55.07 -15.99
C SER B 252 -31.30 -54.24 -14.83
N MET B 253 -30.39 -53.31 -15.10
CA MET B 253 -29.74 -52.55 -14.05
C MET B 253 -29.80 -51.05 -14.35
N PRO B 254 -29.85 -50.23 -13.30
CA PRO B 254 -29.68 -48.79 -13.51
C PRO B 254 -28.21 -48.41 -13.57
N GLU B 255 -27.91 -47.40 -14.38
CA GLU B 255 -26.55 -46.91 -14.51
C GLU B 255 -26.56 -45.40 -14.66
N ILE B 256 -25.60 -44.74 -14.02
CA ILE B 256 -25.48 -43.29 -14.07
C ILE B 256 -24.82 -42.90 -15.40
N SER B 257 -25.37 -41.87 -16.04
CA SER B 257 -24.88 -41.38 -17.31
C SER B 257 -24.43 -39.93 -17.17
N TYR B 258 -23.34 -39.58 -17.85
CA TYR B 258 -22.73 -38.25 -17.74
C TYR B 258 -22.61 -37.65 -19.13
N ASN B 259 -23.11 -36.41 -19.28
CA ASN B 259 -22.93 -35.70 -20.54
C ASN B 259 -21.49 -35.21 -20.65
N LYS B 260 -21.17 -34.60 -21.81
CA LYS B 260 -19.79 -34.17 -22.05
C LYS B 260 -19.36 -33.06 -21.09
N ASP B 261 -20.30 -32.21 -20.66
CA ASP B 261 -19.94 -31.08 -19.81
C ASP B 261 -19.74 -31.51 -18.37
N ILE B 262 -20.70 -32.27 -17.80
CA ILE B 262 -20.57 -32.73 -16.42
C ILE B 262 -19.41 -33.70 -16.28
N SER B 263 -19.05 -34.41 -17.36
CA SER B 263 -17.86 -35.26 -17.32
C SER B 263 -16.59 -34.42 -17.14
N TYR B 264 -16.52 -33.28 -17.81
CA TYR B 264 -15.33 -32.45 -17.72
C TYR B 264 -15.19 -31.84 -16.33
N VAL B 265 -16.30 -31.42 -15.73
CA VAL B 265 -16.26 -30.82 -14.40
C VAL B 265 -15.78 -31.84 -13.37
N LEU B 266 -16.29 -33.07 -13.44
CA LEU B 266 -15.86 -34.10 -12.50
C LEU B 266 -14.44 -34.56 -12.79
N GLY B 267 -14.09 -34.73 -14.07
CA GLY B 267 -12.77 -35.15 -14.46
C GLY B 267 -11.66 -34.16 -14.16
N HIS B 268 -12.01 -32.91 -13.87
CA HIS B 268 -11.07 -31.89 -13.46
C HIS B 268 -11.56 -31.22 -12.19
N ALA B 269 -11.96 -32.04 -11.21
CA ALA B 269 -12.56 -31.50 -9.99
C ALA B 269 -11.56 -30.67 -9.19
N LYS B 270 -10.26 -30.93 -9.36
CA LYS B 270 -9.25 -30.10 -8.72
C LYS B 270 -9.28 -28.67 -9.23
N LYS B 271 -9.83 -28.43 -10.42
CA LYS B 271 -9.98 -27.09 -10.96
C LYS B 271 -11.35 -26.50 -10.68
N TYR B 272 -12.40 -27.32 -10.66
CA TYR B 272 -13.77 -26.84 -10.60
C TYR B 272 -14.48 -27.12 -9.28
N ILE B 273 -14.27 -28.28 -8.69
CA ILE B 273 -14.96 -28.63 -7.45
C ILE B 273 -14.15 -28.22 -6.22
N MET B 274 -12.90 -28.65 -6.17
CA MET B 274 -12.07 -28.40 -4.98
C MET B 274 -11.88 -26.92 -4.66
N PRO B 275 -11.64 -26.01 -5.62
CA PRO B 275 -11.53 -24.59 -5.25
C PRO B 275 -12.80 -24.04 -4.62
N LEU B 276 -13.98 -24.53 -5.01
CA LEU B 276 -15.21 -24.11 -4.34
C LEU B 276 -15.22 -24.57 -2.90
N GLN B 277 -14.81 -25.82 -2.65
CA GLN B 277 -14.82 -26.36 -1.28
C GLN B 277 -13.79 -25.67 -0.40
N ALA B 278 -12.71 -25.15 -1.00
CA ALA B 278 -11.72 -24.40 -0.23
C ALA B 278 -12.32 -23.14 0.36
N GLN B 279 -13.17 -22.45 -0.40
CA GLN B 279 -13.84 -21.25 0.08
C GLN B 279 -15.06 -21.56 0.94
N GLY B 280 -15.30 -22.83 1.25
CA GLY B 280 -16.38 -23.19 2.15
C GLY B 280 -17.68 -23.59 1.48
N HIS B 281 -17.63 -24.10 0.26
CA HIS B 281 -18.81 -24.60 -0.42
C HIS B 281 -18.92 -26.11 -0.23
N LYS B 282 -20.14 -26.58 0.05
CA LYS B 282 -20.49 -27.99 -0.07
C LYS B 282 -20.98 -28.22 -1.48
N VAL B 283 -20.30 -29.08 -2.23
CA VAL B 283 -20.59 -29.28 -3.64
C VAL B 283 -21.24 -30.66 -3.81
N CYS B 284 -22.43 -30.67 -4.39
CA CYS B 284 -23.18 -31.90 -4.62
C CYS B 284 -23.37 -32.11 -6.13
N LEU B 285 -23.69 -33.35 -6.49
CA LEU B 285 -24.00 -33.70 -7.86
C LEU B 285 -25.49 -34.01 -7.98
N THR B 286 -26.17 -33.32 -8.89
CA THR B 286 -27.58 -33.58 -9.13
C THR B 286 -27.75 -34.74 -10.11
N ILE B 287 -28.66 -35.65 -9.78
CA ILE B 287 -28.94 -36.81 -10.61
C ILE B 287 -30.43 -36.87 -10.90
N LYS B 288 -30.79 -36.73 -12.18
CA LYS B 288 -32.17 -36.78 -12.64
C LYS B 288 -32.43 -38.08 -13.37
N GLY B 289 -33.54 -38.13 -14.10
CA GLY B 289 -33.85 -39.25 -14.95
C GLY B 289 -33.60 -38.96 -16.40
N ASP B 290 -33.54 -40.01 -17.21
CA ASP B 290 -33.36 -39.89 -18.65
C ASP B 290 -34.52 -40.49 -19.42
N GLY B 291 -35.66 -40.67 -18.76
CA GLY B 291 -36.87 -41.13 -19.44
C GLY B 291 -36.88 -42.59 -19.83
N GLN B 292 -36.10 -43.44 -19.17
CA GLN B 292 -36.04 -44.86 -19.52
C GLN B 292 -36.81 -45.74 -18.55
N GLY B 293 -37.59 -45.14 -17.64
CA GLY B 293 -38.47 -45.89 -16.77
C GLY B 293 -37.84 -46.42 -15.50
N ILE B 294 -36.56 -46.15 -15.25
CA ILE B 294 -35.87 -46.63 -14.07
C ILE B 294 -35.42 -45.42 -13.27
N GLY B 295 -35.63 -45.47 -11.95
CA GLY B 295 -35.31 -44.31 -11.15
C GLY B 295 -35.35 -44.64 -9.67
N PHE B 296 -35.27 -43.58 -8.86
CA PHE B 296 -35.15 -43.72 -7.42
C PHE B 296 -36.34 -44.40 -6.77
N SER B 297 -37.48 -44.47 -7.46
CA SER B 297 -38.72 -44.89 -6.83
C SER B 297 -39.26 -46.22 -7.34
N ASN B 298 -38.54 -46.93 -8.21
CA ASN B 298 -38.99 -48.22 -8.71
C ASN B 298 -37.89 -49.27 -8.69
N LEU B 299 -36.84 -49.06 -7.89
CA LEU B 299 -35.73 -50.00 -7.84
C LEU B 299 -36.09 -51.21 -6.99
N ASN B 300 -35.60 -52.37 -7.41
CA ASN B 300 -35.67 -53.57 -6.58
C ASN B 300 -34.40 -53.64 -5.73
N ALA B 301 -34.21 -54.76 -5.02
CA ALA B 301 -33.08 -54.87 -4.11
C ALA B 301 -31.75 -54.88 -4.87
N THR B 302 -31.66 -55.68 -5.94
CA THR B 302 -30.42 -55.75 -6.69
C THR B 302 -30.14 -54.46 -7.45
N GLN B 303 -31.18 -53.82 -7.98
CA GLN B 303 -31.00 -52.55 -8.68
C GLN B 303 -30.60 -51.44 -7.71
N SER B 304 -31.18 -51.43 -6.51
CA SER B 304 -30.90 -50.37 -5.55
C SER B 304 -29.45 -50.41 -5.09
N GLN B 305 -28.97 -51.61 -4.70
CA GLN B 305 -27.58 -51.75 -4.30
C GLN B 305 -26.63 -51.24 -5.37
N LYS B 306 -26.91 -51.57 -6.63
CA LYS B 306 -26.06 -51.12 -7.73
C LYS B 306 -26.01 -49.60 -7.80
N LEU B 307 -27.17 -48.95 -7.76
CA LEU B 307 -27.19 -47.50 -7.87
C LEU B 307 -26.58 -46.85 -6.64
N VAL B 308 -26.84 -47.42 -5.45
CA VAL B 308 -26.24 -46.89 -4.23
C VAL B 308 -24.72 -47.05 -4.28
N TYR B 309 -24.24 -48.18 -4.78
CA TYR B 309 -22.80 -48.40 -4.89
C TYR B 309 -22.15 -47.36 -5.79
N ASP B 310 -22.70 -47.18 -6.99
CA ASP B 310 -22.08 -46.27 -7.96
C ASP B 310 -22.14 -44.83 -7.48
N ILE B 311 -23.16 -44.46 -6.72
CA ILE B 311 -23.24 -43.11 -6.18
C ILE B 311 -22.22 -42.92 -5.07
N ARG B 312 -22.13 -43.90 -4.16
CA ARG B 312 -21.07 -43.87 -3.16
C ARG B 312 -19.71 -43.82 -3.81
N LYS B 313 -19.51 -44.61 -4.87
CA LYS B 313 -18.25 -44.59 -5.60
C LYS B 313 -18.02 -43.24 -6.26
N CYS B 314 -19.07 -42.67 -6.86
CA CYS B 314 -18.93 -41.42 -7.59
C CYS B 314 -18.52 -40.28 -6.66
N LEU B 315 -19.15 -40.19 -5.49
CA LEU B 315 -18.81 -39.11 -4.55
C LEU B 315 -17.39 -39.25 -4.03
N GLU B 316 -16.95 -40.48 -3.71
CA GLU B 316 -15.58 -40.69 -3.26
C GLU B 316 -14.59 -40.37 -4.36
N ILE B 317 -14.93 -40.73 -5.60
CA ILE B 317 -13.99 -40.62 -6.71
C ILE B 317 -13.67 -39.17 -7.03
N TYR B 318 -14.68 -38.30 -7.01
CA TYR B 318 -14.52 -36.92 -7.45
C TYR B 318 -14.56 -35.92 -6.30
N GLY B 319 -14.38 -36.39 -5.07
CA GLY B 319 -14.31 -35.51 -3.92
C GLY B 319 -15.57 -34.70 -3.67
N LEU B 320 -16.74 -35.26 -3.97
CA LEU B 320 -17.99 -34.57 -3.77
C LEU B 320 -18.46 -34.71 -2.33
N ASP B 321 -19.28 -33.75 -1.90
CA ASP B 321 -19.79 -33.70 -0.53
C ASP B 321 -21.19 -34.28 -0.39
N GLY B 322 -21.84 -34.64 -1.50
CA GLY B 322 -23.17 -35.20 -1.41
C GLY B 322 -23.81 -35.30 -2.77
N VAL B 323 -25.07 -35.71 -2.76
CA VAL B 323 -25.86 -35.94 -3.97
C VAL B 323 -27.22 -35.26 -3.82
N ASN B 324 -27.74 -34.77 -4.94
CA ASN B 324 -29.08 -34.18 -4.98
C ASN B 324 -29.97 -35.06 -5.83
N LEU B 325 -31.03 -35.60 -5.21
CA LEU B 325 -31.96 -36.50 -5.88
C LEU B 325 -33.10 -35.68 -6.47
N TYR B 326 -32.99 -35.38 -7.77
CA TYR B 326 -34.00 -34.60 -8.47
C TYR B 326 -35.04 -35.56 -9.03
N ASP B 327 -36.23 -35.57 -8.42
CA ASP B 327 -37.27 -36.53 -8.76
C ASP B 327 -38.10 -35.98 -9.92
N GLU B 328 -37.56 -36.14 -11.13
CA GLU B 328 -38.25 -35.74 -12.35
C GLU B 328 -37.59 -36.43 -13.54
N ASP B 329 -38.31 -36.40 -14.67
CA ASP B 329 -37.87 -36.90 -15.97
C ASP B 329 -37.54 -38.39 -15.98
N PHE B 330 -38.19 -39.18 -15.13
CA PHE B 330 -37.96 -40.62 -15.12
C PHE B 330 -38.88 -41.38 -16.06
N SER B 331 -40.04 -40.81 -16.41
CA SER B 331 -41.01 -41.45 -17.30
C SER B 331 -41.45 -42.81 -16.77
N TYR B 332 -41.92 -42.83 -15.52
CA TYR B 332 -42.37 -44.08 -14.92
C TYR B 332 -43.60 -44.61 -15.63
N LYS B 333 -43.83 -45.91 -15.50
CA LYS B 333 -44.99 -46.55 -16.10
C LYS B 333 -46.23 -46.28 -15.25
N LYS B 334 -47.35 -46.03 -15.92
CA LYS B 334 -48.59 -45.76 -15.19
C LYS B 334 -49.26 -47.04 -14.73
N GLU B 335 -49.18 -48.09 -15.54
CA GLU B 335 -49.80 -49.37 -15.22
C GLU B 335 -48.84 -50.47 -15.65
N GLY B 336 -48.42 -51.30 -14.70
CA GLY B 336 -47.50 -52.36 -15.01
C GLY B 336 -46.96 -53.01 -13.74
N ASP B 337 -45.81 -53.67 -13.90
CA ASP B 337 -45.22 -54.48 -12.84
C ASP B 337 -44.49 -53.63 -11.82
N ASN B 338 -43.37 -53.03 -12.23
CA ASN B 338 -42.53 -52.25 -11.33
C ASN B 338 -42.98 -50.80 -11.36
N LEU B 339 -43.95 -50.45 -10.46
CA LEU B 339 -44.48 -49.11 -10.43
C LEU B 339 -43.81 -48.28 -9.33
N PRO B 340 -43.72 -46.97 -9.53
CA PRO B 340 -43.12 -46.10 -8.52
C PRO B 340 -43.99 -46.02 -7.27
N SER B 341 -43.34 -46.01 -6.11
CA SER B 341 -44.03 -45.89 -4.84
C SER B 341 -43.19 -45.05 -3.90
N ALA B 342 -43.86 -44.41 -2.94
CA ALA B 342 -43.14 -43.64 -1.93
C ALA B 342 -42.32 -44.56 -1.02
N ALA B 343 -42.80 -45.78 -0.78
CA ALA B 343 -42.05 -46.72 0.04
C ALA B 343 -40.73 -47.09 -0.61
N ASN B 344 -40.75 -47.32 -1.92
CA ASN B 344 -39.52 -47.61 -2.65
C ASN B 344 -38.52 -46.47 -2.52
N LEU B 345 -38.99 -45.24 -2.65
CA LEU B 345 -38.09 -44.09 -2.52
C LEU B 345 -37.51 -44.04 -1.12
N CYS B 346 -38.34 -44.25 -0.10
CA CYS B 346 -37.86 -44.23 1.28
C CYS B 346 -36.83 -45.32 1.53
N ASN B 347 -37.03 -46.49 0.93
CA ASN B 347 -36.10 -47.58 1.12
C ASN B 347 -34.76 -47.31 0.44
N PHE B 348 -34.79 -46.73 -0.76
CA PHE B 348 -33.55 -46.46 -1.48
C PHE B 348 -32.72 -45.40 -0.78
N VAL B 349 -33.36 -44.33 -0.31
CA VAL B 349 -32.63 -43.26 0.37
C VAL B 349 -32.07 -43.76 1.70
N THR B 350 -32.81 -44.65 2.38
CA THR B 350 -32.28 -45.23 3.62
C THR B 350 -31.02 -46.05 3.36
N ALA B 351 -30.96 -46.72 2.21
CA ALA B 351 -29.74 -47.46 1.85
C ALA B 351 -28.63 -46.51 1.42
N LEU B 352 -28.98 -45.42 0.73
CA LEU B 352 -27.97 -44.44 0.35
C LEU B 352 -27.38 -43.76 1.58
N ARG B 353 -28.21 -43.54 2.60
CA ARG B 353 -27.72 -42.92 3.83
C ARG B 353 -26.70 -43.81 4.53
N GLN B 354 -26.91 -45.14 4.48
CA GLN B 354 -25.98 -46.05 5.12
C GLN B 354 -24.64 -46.09 4.39
N ALA B 355 -24.66 -45.96 3.07
CA ALA B 355 -23.43 -46.11 2.29
C ALA B 355 -22.58 -44.84 2.32
N ILE B 356 -23.17 -43.70 1.94
CA ILE B 356 -22.40 -42.47 1.87
C ILE B 356 -22.24 -41.78 3.22
N ASP B 357 -22.98 -42.25 4.24
CA ASP B 357 -22.78 -41.85 5.64
C ASP B 357 -23.03 -40.35 5.78
N ASP B 358 -22.03 -39.55 6.16
CA ASP B 358 -22.26 -38.14 6.51
C ASP B 358 -22.32 -37.22 5.30
N LYS B 359 -22.15 -37.74 4.09
CA LYS B 359 -22.32 -36.91 2.90
C LYS B 359 -23.79 -36.55 2.73
N LEU B 360 -24.03 -35.44 2.04
CA LEU B 360 -25.35 -34.82 2.02
C LEU B 360 -26.28 -35.52 1.02
N ILE B 361 -27.50 -35.81 1.47
CA ILE B 361 -28.58 -36.22 0.59
C ILE B 361 -29.63 -35.12 0.59
N THR B 362 -29.99 -34.65 -0.60
CA THR B 362 -31.03 -33.63 -0.75
C THR B 362 -32.06 -34.13 -1.74
N TYR B 363 -33.26 -33.54 -1.66
CA TYR B 363 -34.40 -33.99 -2.44
C TYR B 363 -35.10 -32.81 -3.08
N ALA B 364 -35.33 -32.89 -4.39
CA ALA B 364 -36.07 -31.90 -5.14
C ALA B 364 -37.40 -32.54 -5.57
N MET B 365 -38.49 -32.14 -4.92
CA MET B 365 -39.80 -32.69 -5.21
C MET B 365 -40.43 -31.99 -6.39
N THR B 366 -41.13 -32.75 -7.24
CA THR B 366 -41.84 -32.20 -8.40
C THR B 366 -43.24 -32.80 -8.45
N GLU B 367 -43.99 -32.43 -9.50
CA GLU B 367 -45.29 -33.04 -9.71
C GLU B 367 -45.18 -34.51 -10.08
N GLU B 368 -44.06 -34.92 -10.65
CA GLU B 368 -43.81 -36.32 -10.99
C GLU B 368 -43.39 -37.15 -9.78
N SER B 369 -43.19 -36.53 -8.62
CA SER B 369 -42.87 -37.29 -7.42
C SER B 369 -44.04 -38.17 -7.02
N ALA B 370 -43.74 -39.28 -6.37
CA ALA B 370 -44.76 -40.24 -6.00
C ALA B 370 -45.61 -39.72 -4.84
N SER B 371 -46.83 -40.23 -4.77
CA SER B 371 -47.74 -39.90 -3.68
C SER B 371 -47.38 -40.68 -2.42
N GLY B 372 -47.77 -40.13 -1.28
CA GLY B 372 -47.56 -40.80 -0.01
C GLY B 372 -46.35 -40.37 0.77
N LEU B 373 -45.54 -39.46 0.24
CA LEU B 373 -44.40 -38.94 0.98
C LEU B 373 -44.83 -38.20 2.25
N ASP B 374 -46.11 -37.86 2.38
CA ASP B 374 -46.66 -37.27 3.58
C ASP B 374 -46.80 -38.27 4.72
N GLN B 375 -46.63 -39.57 4.45
CA GLN B 375 -46.88 -40.63 5.41
C GLN B 375 -45.63 -41.44 5.67
N SER B 376 -45.59 -42.11 6.82
CA SER B 376 -44.48 -42.97 7.19
C SER B 376 -44.60 -44.30 6.43
N GLN B 377 -43.70 -44.53 5.49
CA GLN B 377 -43.70 -45.74 4.67
C GLN B 377 -42.83 -46.79 5.38
N ASN B 378 -43.48 -47.80 5.96
CA ASN B 378 -42.80 -48.89 6.66
C ASN B 378 -41.95 -48.36 7.82
N GLY B 379 -42.48 -47.37 8.54
CA GLY B 379 -41.76 -46.75 9.64
C GLY B 379 -40.70 -45.75 9.22
N ILE B 380 -40.56 -45.48 7.92
CA ILE B 380 -39.55 -44.57 7.41
C ILE B 380 -40.20 -43.26 7.04
N GLU B 381 -39.55 -42.16 7.40
CA GLU B 381 -39.98 -40.81 7.02
C GLU B 381 -38.82 -40.16 6.26
N LEU B 382 -39.04 -39.89 4.96
CA LEU B 382 -37.98 -39.35 4.12
C LEU B 382 -37.41 -38.05 4.67
N GLY B 383 -38.24 -37.27 5.37
CA GLY B 383 -37.77 -36.03 5.96
C GLY B 383 -36.72 -36.23 7.04
N LYS B 384 -36.62 -37.45 7.59
CA LYS B 384 -35.63 -37.71 8.62
C LYS B 384 -34.27 -38.06 8.03
N ILE B 385 -34.24 -38.60 6.81
CA ILE B 385 -32.97 -39.07 6.25
C ILE B 385 -32.32 -38.02 5.33
N VAL B 386 -33.11 -37.13 4.73
CA VAL B 386 -32.56 -36.12 3.85
C VAL B 386 -32.06 -34.93 4.67
N ASP B 387 -30.98 -34.30 4.20
CA ASP B 387 -30.46 -33.12 4.88
C ASP B 387 -31.28 -31.88 4.53
N TYR B 388 -31.64 -31.72 3.25
CA TYR B 388 -32.48 -30.61 2.81
C TYR B 388 -33.48 -31.14 1.79
N ALA B 389 -34.52 -30.34 1.53
CA ALA B 389 -35.52 -30.69 0.53
C ALA B 389 -36.19 -29.41 0.03
N TRP B 390 -36.50 -29.39 -1.26
CA TRP B 390 -37.18 -28.25 -1.87
C TRP B 390 -38.01 -28.76 -3.05
N THR B 391 -38.56 -27.83 -3.82
CA THR B 391 -39.50 -28.16 -4.89
C THR B 391 -39.05 -27.50 -6.19
N ASN B 392 -39.78 -27.81 -7.25
CA ASN B 392 -39.65 -27.13 -8.54
C ASN B 392 -40.67 -26.03 -8.72
N GLN B 393 -41.36 -25.63 -7.66
CA GLN B 393 -42.40 -24.60 -7.73
C GLN B 393 -41.72 -23.24 -7.63
N PHE B 394 -41.24 -22.77 -8.78
CA PHE B 394 -40.31 -21.66 -8.81
C PHE B 394 -41.01 -20.32 -8.56
N ASN B 395 -40.25 -19.39 -7.97
CA ASN B 395 -40.67 -18.00 -7.80
C ASN B 395 -41.98 -17.89 -7.02
N ARG B 396 -42.14 -18.78 -6.04
CA ARG B 396 -43.34 -18.80 -5.21
C ARG B 396 -43.02 -19.56 -3.93
N LEU B 397 -43.36 -18.98 -2.79
CA LEU B 397 -43.10 -19.65 -1.53
C LEU B 397 -44.12 -20.77 -1.31
N VAL B 398 -43.62 -21.96 -1.01
CA VAL B 398 -44.44 -23.15 -0.83
C VAL B 398 -44.47 -23.48 0.65
N ASN B 399 -45.66 -23.41 1.25
CA ASN B 399 -45.86 -23.71 2.67
C ASN B 399 -46.79 -24.90 2.77
N PRO B 400 -46.28 -26.12 2.83
CA PRO B 400 -47.14 -27.30 2.96
C PRO B 400 -47.75 -27.47 4.35
N TRP B 401 -47.31 -26.70 5.35
CA TRP B 401 -47.82 -26.82 6.71
C TRP B 401 -48.92 -25.82 7.03
N ARG B 402 -49.27 -24.93 6.09
CA ARG B 402 -50.23 -23.87 6.34
C ARG B 402 -51.59 -24.27 5.80
N GLU B 403 -52.58 -24.36 6.69
CA GLU B 403 -53.96 -24.63 6.29
C GLU B 403 -54.65 -23.35 5.85
N ASP B 404 -55.58 -23.48 4.91
CA ASP B 404 -56.29 -22.34 4.33
C ASP B 404 -55.32 -21.27 3.83
N ASN B 405 -54.33 -21.73 3.08
CA ASN B 405 -53.30 -20.85 2.54
C ASN B 405 -53.92 -19.92 1.51
N PRO B 406 -53.86 -18.60 1.70
CA PRO B 406 -54.49 -17.69 0.73
C PRO B 406 -53.87 -17.75 -0.66
N PHE B 407 -52.59 -18.09 -0.77
CA PHE B 407 -51.93 -18.11 -2.07
C PHE B 407 -52.22 -19.41 -2.81
N GLY B 408 -52.15 -20.54 -2.12
CA GLY B 408 -52.45 -21.82 -2.72
C GLY B 408 -52.28 -23.00 -1.77
N ASP B 409 -53.09 -24.04 -1.92
CA ASP B 409 -52.97 -25.22 -1.06
C ASP B 409 -51.74 -26.00 -1.48
N ASP B 410 -50.64 -25.83 -0.75
CA ASP B 410 -49.39 -26.54 -1.01
C ASP B 410 -49.26 -27.83 -0.21
N SER B 411 -50.39 -28.44 0.17
CA SER B 411 -50.37 -29.65 1.00
C SER B 411 -49.75 -30.84 0.28
N GLN B 412 -49.79 -30.87 -1.06
CA GLN B 412 -49.22 -31.99 -1.79
C GLN B 412 -47.69 -31.99 -1.76
N TRP B 413 -47.07 -30.94 -1.23
CA TRP B 413 -45.61 -30.85 -1.14
C TRP B 413 -45.09 -31.19 0.24
N LYS B 414 -45.89 -31.87 1.05
CA LYS B 414 -45.55 -32.17 2.43
C LYS B 414 -44.76 -33.47 2.51
N ILE B 415 -43.67 -33.45 3.27
CA ILE B 415 -42.80 -34.61 3.46
C ILE B 415 -42.80 -34.96 4.94
N ALA B 416 -43.03 -36.23 5.24
CA ALA B 416 -43.14 -36.66 6.63
C ALA B 416 -41.78 -36.59 7.34
N GLY B 417 -41.80 -36.06 8.56
CA GLY B 417 -40.59 -36.00 9.37
C GLY B 417 -39.60 -34.93 8.98
N LEU B 418 -39.94 -34.06 8.02
CA LEU B 418 -39.04 -33.02 7.55
C LEU B 418 -39.29 -31.75 8.36
N GLU B 419 -38.28 -31.34 9.13
CA GLU B 419 -38.34 -30.06 9.82
C GLU B 419 -38.43 -28.92 8.81
N GLN B 420 -39.13 -27.85 9.19
CA GLN B 420 -39.24 -26.69 8.31
C GLN B 420 -37.88 -26.04 8.09
N THR B 421 -36.97 -26.15 9.05
CA THR B 421 -35.63 -25.58 8.92
C THR B 421 -34.80 -26.28 7.83
N LYS B 422 -35.23 -27.45 7.38
CA LYS B 422 -34.53 -28.15 6.30
C LYS B 422 -35.20 -27.99 4.96
N PHE B 423 -36.33 -27.27 4.90
CA PHE B 423 -37.12 -27.16 3.68
C PHE B 423 -36.90 -25.81 3.02
N GLY B 424 -36.57 -25.82 1.73
CA GLY B 424 -36.44 -24.61 0.96
C GLY B 424 -37.76 -24.19 0.37
N ALA B 425 -38.48 -23.31 1.08
CA ALA B 425 -39.84 -22.98 0.65
C ALA B 425 -39.84 -22.14 -0.61
N LEU B 426 -38.79 -21.38 -0.86
CA LEU B 426 -38.68 -20.54 -2.05
C LEU B 426 -37.51 -21.03 -2.89
N THR B 427 -37.82 -21.48 -4.11
CA THR B 427 -36.82 -21.82 -5.11
C THR B 427 -36.97 -20.85 -6.27
N SER B 428 -35.92 -20.07 -6.54
CA SER B 428 -35.96 -19.04 -7.56
C SER B 428 -35.32 -19.52 -8.86
N THR B 429 -35.84 -19.00 -9.97
CA THR B 429 -35.29 -19.26 -11.29
C THR B 429 -35.31 -17.96 -12.08
N LEU B 430 -34.42 -17.86 -13.06
CA LEU B 430 -34.23 -16.62 -13.81
C LEU B 430 -35.23 -16.56 -14.96
N LYS B 431 -36.47 -16.25 -14.61
CA LYS B 431 -37.54 -16.07 -15.58
C LYS B 431 -38.24 -14.75 -15.29
N SER B 432 -38.67 -14.07 -16.34
CA SER B 432 -39.43 -12.84 -16.17
C SER B 432 -40.81 -13.15 -15.58
N LEU B 433 -41.32 -12.22 -14.79
CA LEU B 433 -42.57 -12.41 -14.06
C LEU B 433 -43.54 -11.30 -14.41
N SER B 434 -44.80 -11.67 -14.60
CA SER B 434 -45.86 -10.69 -14.79
C SER B 434 -46.12 -9.94 -13.48
N GLN B 435 -46.95 -8.91 -13.56
CA GLN B 435 -47.30 -8.14 -12.37
C GLN B 435 -47.97 -9.03 -11.32
N GLU B 436 -48.85 -9.93 -11.76
CA GLU B 436 -49.48 -10.84 -10.81
C GLU B 436 -48.50 -11.85 -10.25
N GLU B 437 -47.60 -12.36 -11.09
CA GLU B 437 -46.64 -13.37 -10.64
C GLU B 437 -45.66 -12.80 -9.62
N GLY B 438 -45.26 -11.54 -9.80
CA GLY B 438 -44.40 -10.89 -8.82
C GLY B 438 -45.11 -10.61 -7.51
N GLU B 439 -46.39 -10.25 -7.57
CA GLU B 439 -47.15 -10.02 -6.34
C GLU B 439 -47.34 -11.31 -5.55
N LEU B 440 -47.53 -12.44 -6.26
CA LEU B 440 -47.60 -13.72 -5.58
C LEU B 440 -46.27 -14.06 -4.91
N MET B 441 -45.16 -13.78 -5.60
CA MET B 441 -43.85 -14.08 -5.06
C MET B 441 -43.59 -13.27 -3.79
N GLU B 442 -43.66 -11.94 -3.88
CA GLU B 442 -43.41 -11.11 -2.71
C GLU B 442 -44.42 -11.39 -1.60
N GLY B 443 -45.68 -11.55 -1.95
CA GLY B 443 -46.71 -11.83 -0.98
C GLY B 443 -46.48 -13.10 -0.21
N SER B 444 -46.25 -14.21 -0.94
CA SER B 444 -46.06 -15.49 -0.28
C SER B 444 -44.82 -15.49 0.59
N ILE B 445 -43.75 -14.84 0.13
CA ILE B 445 -42.51 -14.78 0.90
C ILE B 445 -42.74 -14.03 2.21
N PHE B 446 -43.29 -12.83 2.13
CA PHE B 446 -43.40 -11.97 3.31
C PHE B 446 -44.49 -12.47 4.26
N ASP B 447 -45.66 -12.82 3.72
CA ASP B 447 -46.79 -13.16 4.58
C ASP B 447 -46.57 -14.45 5.35
N ASN B 448 -45.95 -15.43 4.71
CA ASN B 448 -45.76 -16.75 5.38
C ASN B 448 -44.67 -16.68 6.46
N ILE B 449 -43.57 -15.97 6.19
CA ILE B 449 -42.43 -15.97 7.16
C ILE B 449 -42.63 -14.87 8.22
N LEU B 450 -43.15 -13.72 7.83
CA LEU B 450 -43.24 -12.62 8.82
C LEU B 450 -44.67 -12.53 9.39
N ASP B 451 -45.67 -12.34 8.54
CA ASP B 451 -47.04 -12.11 9.07
C ASP B 451 -47.69 -13.41 9.52
N ALA B 452 -47.30 -14.57 9.03
CA ALA B 452 -47.94 -15.79 9.57
C ALA B 452 -47.03 -16.46 10.59
N GLY B 453 -45.79 -16.02 10.70
CA GLY B 453 -44.92 -16.57 11.75
C GLY B 453 -44.25 -17.88 11.40
N TYR B 454 -44.14 -18.22 10.11
CA TYR B 454 -43.38 -19.43 9.69
C TYR B 454 -41.92 -19.03 9.54
N MET B 455 -41.28 -18.66 10.65
CA MET B 455 -39.89 -18.20 10.63
C MET B 455 -38.92 -19.30 10.24
N ASP B 456 -39.25 -20.56 10.56
CA ASP B 456 -38.35 -21.67 10.22
C ASP B 456 -38.21 -21.88 8.73
N LEU B 457 -39.07 -21.28 7.91
CA LEU B 457 -38.96 -21.35 6.46
C LEU B 457 -38.03 -20.29 5.89
N ALA B 458 -37.23 -19.64 6.72
CA ALA B 458 -36.23 -18.69 6.28
C ALA B 458 -34.81 -19.25 6.36
N ASN B 459 -34.67 -20.53 6.71
CA ASN B 459 -33.34 -21.10 6.89
C ASN B 459 -32.71 -21.51 5.56
N VAL B 460 -33.50 -22.10 4.66
CA VAL B 460 -32.99 -22.65 3.40
C VAL B 460 -33.63 -21.90 2.24
N PHE B 461 -32.78 -21.39 1.34
CA PHE B 461 -33.21 -20.75 0.10
C PHE B 461 -32.48 -21.40 -1.05
N VAL B 462 -33.19 -21.60 -2.17
CA VAL B 462 -32.64 -22.34 -3.31
C VAL B 462 -32.78 -21.48 -4.56
N VAL B 463 -31.76 -21.52 -5.40
CA VAL B 463 -31.76 -20.88 -6.72
C VAL B 463 -31.51 -21.96 -7.74
N ASN B 464 -32.50 -22.26 -8.57
CA ASN B 464 -32.37 -23.30 -9.59
C ASN B 464 -31.68 -22.70 -10.80
N SER B 465 -30.40 -23.05 -10.96
CA SER B 465 -29.49 -22.54 -11.99
C SER B 465 -29.21 -21.06 -11.79
N ILE B 466 -28.05 -20.76 -11.20
CA ILE B 466 -27.45 -19.44 -11.28
C ILE B 466 -27.09 -19.22 -12.74
N ALA B 467 -27.90 -18.45 -13.46
CA ALA B 467 -27.80 -18.35 -14.90
C ALA B 467 -27.41 -16.95 -15.33
N LYS B 468 -27.03 -16.83 -16.60
CA LYS B 468 -26.61 -15.55 -17.16
C LYS B 468 -27.81 -14.62 -17.29
N VAL B 469 -27.64 -13.39 -16.81
CA VAL B 469 -28.66 -12.37 -17.01
C VAL B 469 -28.59 -11.87 -18.44
N VAL B 470 -29.73 -11.83 -19.10
CA VAL B 470 -29.84 -11.36 -20.47
C VAL B 470 -31.01 -10.39 -20.56
N ALA B 471 -31.25 -9.87 -21.76
CA ALA B 471 -32.34 -8.94 -21.97
C ALA B 471 -33.69 -9.62 -21.70
N GLY B 472 -34.49 -9.02 -20.82
CA GLY B 472 -35.78 -9.53 -20.45
C GLY B 472 -35.87 -10.01 -19.01
N VAL B 473 -34.76 -10.47 -18.45
CA VAL B 473 -34.71 -10.96 -17.08
C VAL B 473 -33.79 -10.10 -16.22
N GLU B 474 -33.55 -8.85 -16.62
CA GLU B 474 -32.72 -7.97 -15.81
C GLU B 474 -33.36 -7.69 -14.45
N THR B 475 -34.69 -7.56 -14.42
CA THR B 475 -35.39 -7.30 -13.16
C THR B 475 -35.26 -8.49 -12.20
N GLN B 476 -35.65 -9.67 -12.67
CA GLN B 476 -35.51 -10.87 -11.83
C GLN B 476 -34.05 -11.21 -11.57
N GLY B 477 -33.14 -10.76 -12.45
CA GLY B 477 -31.73 -11.06 -12.25
C GLY B 477 -31.17 -10.46 -10.97
N ALA B 478 -31.60 -9.23 -10.65
CA ALA B 478 -31.13 -8.56 -9.45
C ALA B 478 -31.78 -9.11 -8.18
N THR B 479 -33.01 -9.60 -8.28
CA THR B 479 -33.75 -10.03 -7.08
C THR B 479 -33.51 -11.49 -6.73
N TYR B 480 -33.44 -12.38 -7.74
CA TYR B 480 -33.59 -13.81 -7.48
C TYR B 480 -32.40 -14.43 -6.77
N LEU B 481 -31.40 -13.65 -6.37
CA LEU B 481 -30.29 -14.13 -5.58
C LEU B 481 -30.23 -13.53 -4.18
N LEU B 482 -31.07 -12.55 -3.88
CA LEU B 482 -30.97 -11.79 -2.64
C LEU B 482 -32.16 -12.01 -1.70
N TRP B 483 -33.15 -12.82 -2.09
CA TRP B 483 -34.32 -13.00 -1.24
C TRP B 483 -33.94 -13.58 0.12
N GLY B 484 -33.06 -14.58 0.14
CA GLY B 484 -32.65 -15.17 1.40
C GLY B 484 -31.91 -14.18 2.29
N ALA B 485 -31.08 -13.33 1.69
CA ALA B 485 -30.38 -12.31 2.47
C ALA B 485 -31.30 -11.16 2.84
N LEU B 486 -32.29 -10.85 1.98
CA LEU B 486 -33.23 -9.79 2.29
C LEU B 486 -34.03 -10.12 3.54
N ILE B 487 -34.44 -11.38 3.70
CA ILE B 487 -35.22 -11.78 4.87
C ILE B 487 -34.33 -11.86 6.10
N ASN B 488 -33.24 -12.62 6.01
CA ASN B 488 -32.45 -12.97 7.19
C ASN B 488 -31.56 -11.82 7.65
N TYR B 489 -31.06 -10.99 6.74
CA TYR B 489 -30.17 -9.90 7.11
C TYR B 489 -30.89 -8.55 7.19
N ASP B 490 -31.74 -8.23 6.20
CA ASP B 490 -32.34 -6.90 6.17
C ASP B 490 -33.58 -6.80 7.05
N VAL B 491 -34.43 -7.83 7.03
CA VAL B 491 -35.67 -7.79 7.80
C VAL B 491 -35.44 -8.20 9.24
N LEU B 492 -34.96 -9.43 9.44
CA LEU B 492 -34.81 -9.99 10.77
C LEU B 492 -33.64 -9.40 11.54
N GLN B 493 -32.70 -8.76 10.86
CA GLN B 493 -31.61 -8.02 11.48
C GLN B 493 -31.55 -6.63 10.85
N GLY B 494 -30.62 -5.81 11.31
CA GLY B 494 -30.47 -4.49 10.75
C GLY B 494 -29.57 -4.39 9.53
N ILE B 495 -28.94 -5.50 9.15
CA ILE B 495 -27.86 -5.49 8.17
C ILE B 495 -28.42 -5.36 6.77
N ASN B 496 -27.79 -4.51 5.95
CA ASN B 496 -28.21 -4.29 4.57
C ASN B 496 -27.44 -5.21 3.63
N PRO B 497 -28.12 -5.93 2.73
CA PRO B 497 -27.40 -6.84 1.82
C PRO B 497 -27.32 -6.35 0.38
N GLU B 498 -26.16 -6.52 -0.24
CA GLU B 498 -25.97 -6.20 -1.66
C GLU B 498 -25.23 -7.34 -2.34
N LEU B 499 -25.66 -7.67 -3.55
CA LEU B 499 -25.02 -8.74 -4.33
C LEU B 499 -23.82 -8.18 -5.09
N VAL B 500 -22.66 -8.71 -4.82
CA VAL B 500 -21.38 -8.23 -5.40
C VAL B 500 -20.74 -9.38 -6.12
N PRO B 501 -20.26 -9.21 -7.36
CA PRO B 501 -20.23 -7.97 -8.16
C PRO B 501 -21.40 -7.88 -9.14
N GLY B 502 -22.45 -7.17 -8.77
CA GLY B 502 -23.62 -7.08 -9.61
C GLY B 502 -23.56 -5.96 -10.62
N LEU B 503 -23.62 -4.72 -10.16
CA LEU B 503 -23.67 -3.60 -11.08
C LEU B 503 -22.29 -3.32 -11.68
N GLY B 504 -22.29 -2.53 -12.74
CA GLY B 504 -21.06 -2.12 -13.40
C GLY B 504 -20.72 -3.04 -14.57
N LYS B 505 -19.79 -2.54 -15.40
CA LYS B 505 -19.33 -3.33 -16.53
C LYS B 505 -18.56 -4.54 -16.04
N GLY B 506 -18.86 -5.70 -16.62
CA GLY B 506 -18.30 -6.96 -16.17
C GLY B 506 -19.02 -7.59 -15.01
N GLY B 507 -19.94 -6.88 -14.37
CA GLY B 507 -20.68 -7.43 -13.25
C GLY B 507 -21.67 -8.51 -13.68
N TYR B 508 -22.27 -9.14 -12.66
CA TYR B 508 -23.22 -10.22 -12.94
C TYR B 508 -24.44 -9.73 -13.67
N LEU B 509 -24.81 -8.45 -13.50
CA LEU B 509 -25.99 -7.89 -14.13
C LEU B 509 -25.69 -7.22 -15.46
N ASP B 510 -24.45 -7.31 -15.94
CA ASP B 510 -24.10 -6.83 -17.28
C ASP B 510 -24.46 -7.90 -18.30
N ILE B 511 -25.46 -7.62 -19.14
CA ILE B 511 -25.93 -8.59 -20.12
C ILE B 511 -24.95 -8.79 -21.26
N HIS B 512 -23.88 -8.00 -21.33
CA HIS B 512 -22.88 -8.14 -22.38
C HIS B 512 -21.56 -8.68 -21.85
N SER B 513 -21.57 -9.32 -20.69
CA SER B 513 -20.37 -9.90 -20.11
C SER B 513 -20.74 -11.21 -19.43
N ASP B 514 -19.72 -12.03 -19.18
CA ASP B 514 -19.85 -13.29 -18.46
C ASP B 514 -18.89 -13.26 -17.29
N LEU B 515 -19.42 -13.41 -16.07
CA LEU B 515 -18.60 -13.31 -14.87
C LEU B 515 -17.53 -14.40 -14.86
N CYS B 516 -17.95 -15.66 -14.79
CA CYS B 516 -17.05 -16.81 -14.86
C CYS B 516 -17.58 -17.73 -15.94
N PRO B 517 -17.06 -17.62 -17.16
CA PRO B 517 -17.61 -18.39 -18.28
C PRO B 517 -17.01 -19.78 -18.39
N LYS B 518 -17.68 -20.62 -19.19
CA LYS B 518 -17.17 -21.94 -19.48
C LYS B 518 -15.87 -21.85 -20.27
N ASP B 519 -14.92 -22.72 -19.91
CA ASP B 519 -13.62 -22.79 -20.59
C ASP B 519 -13.33 -24.19 -21.08
N TRP B 520 -14.36 -24.94 -21.45
CA TRP B 520 -14.17 -26.28 -21.99
C TRP B 520 -15.13 -26.58 -23.14
#